data_7E0G
#
_entry.id   7E0G
#
_cell.length_a   184.550
_cell.length_b   184.550
_cell.length_c   108.571
_cell.angle_alpha   90.000
_cell.angle_beta   90.000
_cell.angle_gamma   120.000
#
_symmetry.space_group_name_H-M   'P 61 2 2'
#
loop_
_entity.id
_entity.type
_entity.pdbx_description
1 polymer 'Lysine-specific histone demethylase 1A'
2 non-polymer '[[(2R,3S,4R,5R)-5-(6-aminopurin-9-yl)-3,4-bis(oxidanyl)oxolan-2-yl]methoxy-oxidanyl-phosphoryl] [(2R,3S,4S)-5-[5-methanoyl-7,8-dimethyl-2,4-bis(oxidanylidene)-1H-benzo[g]pteridin-10-yl]-2,3,4-tris(oxidanyl)pentyl] hydrogen phosphate'
3 non-polymer GLYCEROL
4 non-polymer IMIDAZOLE
5 non-polymer 'MAGNESIUM ION'
6 water water
#
_entity_poly.entity_id   1
_entity_poly.type   'polypeptide(L)'
_entity_poly.pdbx_seq_one_letter_code
;GGSSGVEGAAFQSRLPHDRMTSQEAACFPDIISGPQQTQKVFLFIRNRTLQLWLDNPKIQLTFEATLQQLEAPYNSDTVL
VHRVHSYLERHGLINFGIYKRIKPLPTKKTGKVIIIGSGVSGLAAARQLQSFGMDVTLLEARDRVGGRVATFRKGNYVAD
LGAMVVTGLGGNPMAVVSKQVNMELAKIKQKCPLYEANGQAVPKEKDEMVEQEFNRLLEATSYLSHQLDFNVLNNKPVSL
GQALEVVIQLQEKHVKDEQIEHWKKIVKTQEELKELLNKMVNLKEKIKELHQQYKEASEVKPPRDITAEFLVKSKHRDLT
ALCKEYDELAETQGKLEEKLQELEANPPSDVYLSSRDRQILDWHFANLEFANATPLSTLSLKHWDQDDDFEFTGSHLTVR
NGYSCVPVALAEGLDIKLNTAVRQVRYTASGCEVIAVNTRSTSQTFIYKCDAVLCTLPLGVLKQQPPAVQFVPPLPEWKT
SAVQRMGFGNLNKVVLCFDRVFWDPSVNLFGHVGSTTASRGELFLFWNLYKAPILLALVAGEAAGIMENISDDVIVGRCL
AILKGIFGSSAVPQPKETVVSRWRADPWARGSYSYVAAGSSGNDYDLMAQPITPGPSIPGAPQPIPRLFFAGEHTIRNYP
ATVHGALLSGLREAGRIADQFLGAM
;
_entity_poly.pdbx_strand_id   A
#
# COMPACT_ATOMS: atom_id res chain seq x y z
N SER A 4 1.94 3.78 29.60
CA SER A 4 2.54 2.66 30.39
C SER A 4 3.49 1.80 29.57
N GLY A 5 4.41 1.12 30.27
CA GLY A 5 5.37 0.23 29.64
C GLY A 5 4.76 -1.09 29.21
N VAL A 6 4.01 -1.73 30.12
CA VAL A 6 3.38 -3.03 29.84
C VAL A 6 2.26 -2.92 28.80
N GLU A 7 1.49 -1.84 28.89
CA GLU A 7 0.45 -1.49 27.91
C GLU A 7 1.06 -1.27 26.51
N GLY A 8 2.18 -0.55 26.46
CA GLY A 8 2.92 -0.30 25.21
C GLY A 8 3.49 -1.57 24.60
N ALA A 9 3.99 -2.46 25.45
CA ALA A 9 4.52 -3.76 25.03
C ALA A 9 3.47 -4.58 24.27
N ALA A 10 2.26 -4.61 24.81
CA ALA A 10 1.13 -5.28 24.14
C ALA A 10 0.88 -4.65 22.78
N PHE A 11 0.90 -3.32 22.76
CA PHE A 11 0.64 -2.56 21.54
C PHE A 11 1.73 -2.82 20.49
N GLN A 12 2.99 -2.77 20.94
CA GLN A 12 4.12 -3.07 20.10
C GLN A 12 4.03 -4.49 19.50
N SER A 13 3.31 -5.37 20.20
CA SER A 13 3.14 -6.76 19.77
C SER A 13 1.85 -7.02 19.02
N ARG A 14 1.14 -5.93 18.66
CA ARG A 14 -0.15 -6.02 17.94
C ARG A 14 -1.25 -6.71 18.75
N LEU A 15 -1.20 -6.55 20.07
CA LEU A 15 -2.19 -7.16 20.97
C LEU A 15 -2.92 -6.12 21.82
N PRO A 16 -4.20 -6.40 22.20
CA PRO A 16 -4.91 -5.56 23.17
C PRO A 16 -4.33 -5.77 24.56
N HIS A 17 -3.97 -4.68 25.22
CA HIS A 17 -3.34 -4.76 26.54
C HIS A 17 -4.27 -5.29 27.64
N ASP A 18 -5.58 -5.13 27.46
CA ASP A 18 -6.55 -5.34 28.53
C ASP A 18 -7.55 -6.46 28.28
N ARG A 19 -7.32 -7.23 27.22
CA ARG A 19 -8.13 -8.42 26.97
C ARG A 19 -7.36 -9.52 26.23
N MET A 20 -7.88 -10.73 26.34
CA MET A 20 -7.28 -11.89 25.69
C MET A 20 -7.80 -12.01 24.28
N THR A 21 -6.90 -12.38 23.38
CA THR A 21 -7.25 -12.67 21.99
C THR A 21 -7.91 -14.04 21.93
N SER A 22 -8.55 -14.35 20.81
CA SER A 22 -9.21 -15.66 20.68
C SER A 22 -8.20 -16.81 20.59
N GLN A 23 -7.03 -16.51 20.04
CA GLN A 23 -5.91 -17.47 19.98
C GLN A 23 -5.39 -17.82 21.37
N GLU A 24 -5.30 -16.82 22.24
CA GLU A 24 -4.97 -17.03 23.65
C GLU A 24 -6.08 -17.83 24.36
N ALA A 25 -7.33 -17.56 24.00
CA ALA A 25 -8.49 -18.29 24.53
C ALA A 25 -8.40 -19.78 24.23
N ALA A 26 -8.00 -20.13 23.00
CA ALA A 26 -7.80 -21.50 22.58
C ALA A 26 -6.71 -22.23 23.37
N CYS A 27 -5.59 -21.55 23.62
CA CYS A 27 -4.46 -22.13 24.35
C CYS A 27 -4.62 -22.09 25.86
N PHE A 28 -5.42 -21.15 26.35
CA PHE A 28 -5.71 -21.04 27.78
C PHE A 28 -7.22 -21.06 28.07
N PRO A 29 -7.90 -22.18 27.78
CA PRO A 29 -9.35 -22.26 27.96
C PRO A 29 -9.75 -22.23 29.43
N ASP A 30 -8.84 -22.68 30.29
CA ASP A 30 -9.02 -22.65 31.75
C ASP A 30 -8.95 -21.23 32.32
N ILE A 31 -8.22 -20.36 31.65
CA ILE A 31 -8.07 -18.97 32.11
C ILE A 31 -9.32 -18.16 31.75
N ILE A 32 -9.74 -18.28 30.49
CA ILE A 32 -10.87 -17.49 29.98
C ILE A 32 -12.21 -17.91 30.60
N SER A 33 -12.33 -19.18 30.97
CA SER A 33 -13.53 -19.69 31.62
C SER A 33 -13.41 -19.62 33.16
N GLY A 34 -12.25 -19.19 33.64
CA GLY A 34 -12.01 -19.04 35.07
C GLY A 34 -12.41 -17.66 35.57
N PRO A 35 -12.11 -17.35 36.85
CA PRO A 35 -12.42 -16.05 37.44
C PRO A 35 -11.69 -14.90 36.74
N GLN A 36 -12.34 -13.74 36.66
CA GLN A 36 -11.78 -12.56 35.99
C GLN A 36 -10.44 -12.11 36.56
N GLN A 37 -10.24 -12.32 37.86
CA GLN A 37 -9.01 -11.95 38.56
C GLN A 37 -7.77 -12.62 37.97
N THR A 38 -7.91 -13.90 37.59
CA THR A 38 -6.80 -14.65 37.02
C THR A 38 -6.51 -14.24 35.57
N GLN A 39 -7.53 -13.75 34.86
CA GLN A 39 -7.36 -13.26 33.50
C GLN A 39 -6.47 -12.02 33.47
N LYS A 40 -6.60 -11.19 34.49
CA LYS A 40 -5.79 -9.98 34.61
C LYS A 40 -4.37 -10.31 35.05
N VAL A 41 -4.22 -11.45 35.73
CA VAL A 41 -2.90 -11.95 36.08
C VAL A 41 -2.22 -12.45 34.82
N PHE A 42 -2.96 -13.22 34.02
CA PHE A 42 -2.50 -13.70 32.73
C PHE A 42 -2.00 -12.55 31.86
N LEU A 43 -2.85 -11.52 31.74
CA LEU A 43 -2.55 -10.38 30.88
C LEU A 43 -1.34 -9.60 31.35
N PHE A 44 -1.21 -9.39 32.65
CA PHE A 44 -0.02 -8.74 33.19
C PHE A 44 1.26 -9.52 32.92
N ILE A 45 1.19 -10.85 33.05
CA ILE A 45 2.38 -11.69 32.82
C ILE A 45 2.75 -11.64 31.33
N ARG A 46 1.75 -11.79 30.48
CA ARG A 46 1.93 -11.63 29.05
C ARG A 46 2.53 -10.26 28.67
N ASN A 47 1.87 -9.19 29.12
CA ASN A 47 2.33 -7.82 28.82
C ASN A 47 3.74 -7.54 29.36
N ARG A 48 4.03 -8.03 30.55
CA ARG A 48 5.37 -7.84 31.14
C ARG A 48 6.44 -8.70 30.46
N THR A 49 6.10 -9.94 30.08
CA THR A 49 7.05 -10.80 29.37
C THR A 49 7.41 -10.18 28.02
N LEU A 50 6.40 -9.65 27.32
CA LEU A 50 6.64 -8.92 26.09
C LEU A 50 7.57 -7.74 26.34
N GLN A 51 7.29 -6.97 27.39
CA GLN A 51 8.09 -5.80 27.69
C GLN A 51 9.55 -6.18 27.91
N LEU A 52 9.78 -7.23 28.69
CA LEU A 52 11.14 -7.68 28.96
C LEU A 52 11.87 -8.00 27.67
N TRP A 53 11.18 -8.69 26.75
CA TRP A 53 11.74 -9.00 25.44
C TRP A 53 12.03 -7.74 24.63
N LEU A 54 11.04 -6.84 24.55
CA LEU A 54 11.16 -5.64 23.72
C LEU A 54 12.17 -4.61 24.23
N ASP A 55 12.42 -4.60 25.53
CA ASP A 55 13.44 -3.73 26.12
C ASP A 55 14.85 -4.17 25.74
N ASN A 56 15.03 -5.46 25.52
CA ASN A 56 16.34 -5.98 25.10
C ASN A 56 16.23 -7.18 24.15
N PRO A 57 15.87 -6.93 22.87
CA PRO A 57 15.65 -8.04 21.95
C PRO A 57 16.95 -8.60 21.35
N LYS A 58 18.12 -8.13 21.82
CA LYS A 58 19.40 -8.67 21.36
C LYS A 58 19.83 -9.94 22.09
N ILE A 59 19.20 -10.25 23.22
CA ILE A 59 19.44 -11.53 23.91
C ILE A 59 18.16 -12.37 24.06
N GLN A 60 18.33 -13.68 24.15
CA GLN A 60 17.22 -14.59 24.36
C GLN A 60 16.58 -14.32 25.71
N LEU A 61 15.25 -14.24 25.76
CA LEU A 61 14.55 -14.14 27.02
C LEU A 61 14.09 -15.54 27.47
N THR A 62 14.75 -16.09 28.48
CA THR A 62 14.43 -17.44 28.93
C THR A 62 13.28 -17.39 29.94
N PHE A 63 12.68 -18.55 30.17
CA PHE A 63 11.68 -18.69 31.21
C PHE A 63 12.25 -18.27 32.58
N GLU A 64 13.39 -18.85 32.95
CA GLU A 64 14.15 -18.48 34.15
C GLU A 64 14.28 -16.96 34.35
N ALA A 65 14.79 -16.27 33.34
CA ALA A 65 15.00 -14.81 33.45
C ALA A 65 13.68 -14.02 33.53
N THR A 66 12.60 -14.54 32.94
CA THR A 66 11.30 -13.89 33.04
C THR A 66 10.85 -13.95 34.50
N LEU A 67 10.99 -15.13 35.10
CA LEU A 67 10.57 -15.38 36.48
C LEU A 67 11.38 -14.56 37.48
N GLN A 68 12.68 -14.43 37.23
CA GLN A 68 13.56 -13.64 38.08
C GLN A 68 13.27 -12.14 38.05
N GLN A 69 12.71 -11.66 36.93
CA GLN A 69 12.48 -10.24 36.73
C GLN A 69 11.05 -9.81 37.04
N LEU A 70 10.17 -10.77 37.29
CA LEU A 70 8.81 -10.48 37.69
C LEU A 70 8.73 -10.10 39.16
N GLU A 71 7.84 -9.17 39.50
CA GLU A 71 7.68 -8.67 40.87
C GLU A 71 6.79 -9.60 41.73
N ALA A 72 6.65 -9.27 43.01
CA ALA A 72 6.38 -10.26 44.03
C ALA A 72 4.94 -10.59 44.50
N PRO A 73 3.99 -10.64 43.56
CA PRO A 73 3.13 -11.84 43.65
C PRO A 73 3.38 -12.76 42.45
N TYR A 74 3.71 -12.14 41.30
CA TYR A 74 3.80 -12.83 40.01
C TYR A 74 4.96 -13.82 39.87
N ASN A 75 6.08 -13.53 40.52
CA ASN A 75 7.23 -14.47 40.51
C ASN A 75 6.94 -15.78 41.27
N SER A 76 5.75 -15.88 41.84
CA SER A 76 5.27 -17.13 42.44
C SER A 76 4.25 -17.86 41.56
N ASP A 77 3.83 -17.24 40.45
CA ASP A 77 2.97 -17.90 39.47
C ASP A 77 3.82 -18.76 38.51
N THR A 78 4.70 -19.57 39.08
CA THR A 78 5.67 -20.36 38.33
C THR A 78 5.11 -21.06 37.10
N VAL A 79 4.09 -21.90 37.28
CA VAL A 79 3.49 -22.67 36.19
C VAL A 79 2.83 -21.77 35.14
N LEU A 80 2.07 -20.76 35.60
CA LEU A 80 1.39 -19.86 34.67
C LEU A 80 2.39 -19.05 33.86
N VAL A 81 3.48 -18.64 34.50
CA VAL A 81 4.54 -17.90 33.83
C VAL A 81 5.17 -18.77 32.72
N HIS A 82 5.47 -20.03 33.05
CA HIS A 82 5.99 -20.95 32.05
C HIS A 82 5.07 -21.12 30.85
N ARG A 83 3.77 -21.24 31.12
CA ARG A 83 2.79 -21.41 30.06
C ARG A 83 2.73 -20.19 29.14
N VAL A 84 2.77 -19.01 29.73
CA VAL A 84 2.73 -17.76 28.96
C VAL A 84 4.02 -17.62 28.15
N HIS A 85 5.15 -17.82 28.81
CA HIS A 85 6.45 -17.79 28.12
C HIS A 85 6.47 -18.76 26.94
N SER A 86 6.01 -20.00 27.14
CA SER A 86 6.00 -21.02 26.07
C SER A 86 5.15 -20.60 24.88
N TYR A 87 3.94 -20.14 25.17
CA TYR A 87 3.03 -19.63 24.15
C TYR A 87 3.68 -18.50 23.33
N LEU A 88 4.21 -17.48 24.01
CA LEU A 88 4.77 -16.30 23.34
C LEU A 88 5.96 -16.65 22.46
N GLU A 89 6.77 -17.60 22.94
CA GLU A 89 7.96 -18.06 22.26
C GLU A 89 7.57 -18.88 21.02
N ARG A 90 6.62 -19.79 21.19
CA ARG A 90 6.16 -20.66 20.11
C ARG A 90 5.59 -19.85 18.94
N HIS A 91 4.88 -18.78 19.27
CA HIS A 91 4.22 -17.94 18.26
C HIS A 91 5.10 -16.79 17.75
N GLY A 92 6.35 -16.77 18.19
CA GLY A 92 7.31 -15.77 17.72
C GLY A 92 7.02 -14.34 18.12
N LEU A 93 6.43 -14.14 19.30
CA LEU A 93 6.22 -12.80 19.86
C LEU A 93 7.37 -12.37 20.74
N ILE A 94 8.10 -13.36 21.27
CA ILE A 94 9.41 -13.12 21.88
C ILE A 94 10.41 -14.08 21.25
N ASN A 95 11.71 -13.81 21.46
CA ASN A 95 12.76 -14.68 20.89
C ASN A 95 12.56 -14.95 19.40
N PHE A 96 12.40 -13.88 18.62
CA PHE A 96 12.36 -13.97 17.18
C PHE A 96 13.44 -13.05 16.59
N GLY A 97 13.69 -13.17 15.29
CA GLY A 97 14.71 -12.35 14.63
C GLY A 97 16.10 -12.86 14.96
N ILE A 98 17.03 -11.94 15.22
CA ILE A 98 18.43 -12.29 15.47
C ILE A 98 18.84 -11.86 16.87
N TYR A 99 19.26 -12.81 17.70
CA TYR A 99 19.61 -12.52 19.09
C TYR A 99 20.60 -13.56 19.62
N LYS A 100 21.38 -13.21 20.65
CA LYS A 100 22.28 -14.16 21.30
C LYS A 100 21.52 -15.18 22.15
N ARG A 101 21.76 -16.46 21.87
CA ARG A 101 21.17 -17.56 22.65
C ARG A 101 21.83 -17.63 24.01
N ILE A 102 21.04 -17.94 25.02
CA ILE A 102 21.57 -18.19 26.37
C ILE A 102 21.72 -19.71 26.57
N LYS A 103 20.67 -20.46 26.24
CA LYS A 103 20.75 -21.92 26.22
C LYS A 103 20.87 -22.42 24.77
N PRO A 104 22.05 -23.00 24.43
CA PRO A 104 22.30 -23.50 23.07
C PRO A 104 21.41 -24.67 22.62
N LEU A 105 21.45 -24.99 21.34
CA LEU A 105 20.57 -25.98 20.72
C LEU A 105 21.06 -27.40 20.96
N PRO A 106 20.12 -28.35 21.22
CA PRO A 106 20.49 -29.77 21.29
C PRO A 106 21.06 -30.25 19.96
N THR A 107 22.13 -31.05 20.01
CA THR A 107 22.81 -31.54 18.81
C THR A 107 21.90 -32.48 18.02
N LYS A 108 21.10 -33.27 18.74
CA LYS A 108 20.10 -34.11 18.09
C LYS A 108 18.93 -33.25 17.69
N LYS A 109 18.53 -33.36 16.43
CA LYS A 109 17.45 -32.55 15.87
C LYS A 109 16.23 -33.39 15.54
N THR A 110 15.06 -32.82 15.78
CA THR A 110 13.79 -33.53 15.70
C THR A 110 12.98 -33.02 14.53
N GLY A 111 12.69 -33.91 13.57
CA GLY A 111 11.95 -33.55 12.36
C GLY A 111 12.75 -32.82 11.31
N LYS A 112 12.43 -33.08 10.04
CA LYS A 112 13.12 -32.43 8.92
C LYS A 112 12.17 -31.56 8.10
N VAL A 113 12.55 -30.30 7.90
CA VAL A 113 11.71 -29.36 7.16
C VAL A 113 12.48 -28.77 6.00
N ILE A 114 11.90 -28.86 4.80
CA ILE A 114 12.44 -28.13 3.65
C ILE A 114 11.66 -26.83 3.42
N ILE A 115 12.41 -25.71 3.36
CA ILE A 115 11.82 -24.40 3.13
C ILE A 115 12.15 -23.96 1.71
N ILE A 116 11.11 -23.75 0.89
CA ILE A 116 11.28 -23.26 -0.47
C ILE A 116 11.29 -21.73 -0.46
N GLY A 117 12.42 -21.16 -0.84
CA GLY A 117 12.62 -19.71 -0.84
C GLY A 117 13.29 -19.22 0.43
N SER A 118 14.31 -18.38 0.27
CA SER A 118 14.92 -17.70 1.43
C SER A 118 14.76 -16.18 1.30
N GLY A 119 13.53 -15.76 1.04
CA GLY A 119 13.13 -14.36 1.28
C GLY A 119 12.86 -14.20 2.76
N VAL A 120 12.38 -13.02 3.16
CA VAL A 120 12.18 -12.72 4.57
C VAL A 120 11.26 -13.73 5.27
N SER A 121 10.22 -14.21 4.60
CA SER A 121 9.33 -15.19 5.24
C SER A 121 10.01 -16.55 5.48
N GLY A 122 10.75 -17.03 4.49
CA GLY A 122 11.51 -18.28 4.62
C GLY A 122 12.59 -18.16 5.68
N LEU A 123 13.31 -17.04 5.66
CA LEU A 123 14.36 -16.83 6.64
C LEU A 123 13.81 -16.75 8.07
N ALA A 124 12.70 -16.01 8.26
CA ALA A 124 12.11 -15.87 9.59
C ALA A 124 11.64 -17.21 10.12
N ALA A 125 10.93 -17.96 9.29
CA ALA A 125 10.44 -19.29 9.65
C ALA A 125 11.60 -20.24 10.00
N ALA A 126 12.69 -20.17 9.24
CA ALA A 126 13.82 -21.06 9.43
C ALA A 126 14.45 -20.85 10.79
N ARG A 127 14.73 -19.59 11.14
CA ARG A 127 15.32 -19.28 12.45
C ARG A 127 14.47 -19.82 13.59
N GLN A 128 13.15 -19.67 13.47
CA GLN A 128 12.22 -20.21 14.46
C GLN A 128 12.35 -21.70 14.57
N LEU A 129 12.15 -22.38 13.44
CA LEU A 129 12.20 -23.84 13.39
C LEU A 129 13.55 -24.37 13.88
N GLN A 130 14.64 -23.69 13.49
CA GLN A 130 15.98 -24.05 13.97
C GLN A 130 16.07 -23.88 15.49
N SER A 131 15.58 -22.77 16.02
CA SER A 131 15.68 -22.50 17.46
C SER A 131 14.71 -23.37 18.27
N PHE A 132 13.74 -23.98 17.59
CA PHE A 132 12.89 -25.00 18.19
C PHE A 132 13.55 -26.39 18.12
N GLY A 133 14.74 -26.46 17.54
CA GLY A 133 15.49 -27.71 17.43
C GLY A 133 14.98 -28.68 16.36
N MET A 134 14.58 -28.13 15.22
CA MET A 134 14.23 -28.95 14.06
C MET A 134 15.33 -28.84 13.02
N ASP A 135 15.39 -29.82 12.12
CA ASP A 135 16.39 -29.81 11.06
C ASP A 135 15.82 -29.07 9.86
N VAL A 136 16.45 -27.97 9.50
CA VAL A 136 15.91 -27.05 8.52
C VAL A 136 16.88 -26.79 7.37
N THR A 137 16.42 -27.06 6.15
CA THR A 137 17.15 -26.64 4.95
C THR A 137 16.29 -25.71 4.08
N LEU A 138 16.90 -24.61 3.65
CA LEU A 138 16.25 -23.68 2.72
C LEU A 138 16.79 -23.86 1.30
N LEU A 139 15.89 -23.99 0.35
CA LEU A 139 16.26 -24.06 -1.08
C LEU A 139 15.92 -22.77 -1.80
N GLU A 140 16.95 -22.09 -2.30
CA GLU A 140 16.79 -20.80 -2.92
C GLU A 140 17.30 -20.78 -4.36
N ALA A 141 16.44 -20.32 -5.28
CA ALA A 141 16.75 -20.32 -6.69
C ALA A 141 17.80 -19.31 -7.11
N ARG A 142 17.83 -18.14 -6.43
CA ARG A 142 18.76 -17.07 -6.78
C ARG A 142 20.16 -17.36 -6.24
N ASP A 143 21.12 -16.53 -6.64
CA ASP A 143 22.48 -16.59 -6.10
C ASP A 143 22.64 -15.67 -4.89
N ARG A 144 21.53 -15.43 -4.19
CA ARG A 144 21.51 -14.54 -3.03
C ARG A 144 20.26 -14.82 -2.18
N VAL A 145 20.27 -14.36 -0.94
CA VAL A 145 19.08 -14.44 -0.07
C VAL A 145 18.30 -13.13 -0.20
N GLY A 146 17.09 -13.10 0.34
CA GLY A 146 16.36 -11.85 0.48
C GLY A 146 15.18 -11.67 -0.44
N GLY A 147 15.19 -12.35 -1.59
CA GLY A 147 14.09 -12.32 -2.55
C GLY A 147 13.72 -10.93 -2.99
N ARG A 148 12.55 -10.47 -2.56
CA ARG A 148 12.07 -9.15 -2.96
C ARG A 148 12.62 -8.01 -2.12
N VAL A 149 13.49 -8.35 -1.17
CA VAL A 149 14.42 -7.38 -0.60
C VAL A 149 15.71 -7.53 -1.42
N ALA A 150 15.99 -6.54 -2.26
CA ALA A 150 17.10 -6.62 -3.22
C ALA A 150 17.82 -5.28 -3.28
N THR A 151 19.02 -5.26 -2.73
CA THR A 151 19.81 -4.04 -2.61
C THR A 151 20.93 -4.05 -3.63
N PHE A 152 21.02 -2.97 -4.39
CA PHE A 152 22.15 -2.73 -5.28
C PHE A 152 23.26 -2.06 -4.47
N ARG A 153 24.45 -2.68 -4.50
CA ARG A 153 25.65 -2.14 -3.85
C ARG A 153 26.81 -2.11 -4.82
N LYS A 154 27.28 -0.92 -5.14
CA LYS A 154 28.45 -0.74 -5.99
C LYS A 154 29.23 0.50 -5.58
N GLY A 155 30.46 0.30 -5.12
CA GLY A 155 31.30 1.39 -4.63
C GLY A 155 30.67 2.06 -3.42
N ASN A 156 30.42 3.35 -3.55
CA ASN A 156 29.75 4.13 -2.51
C ASN A 156 28.23 4.24 -2.73
N TYR A 157 27.73 3.58 -3.77
CA TYR A 157 26.31 3.64 -4.09
C TYR A 157 25.53 2.47 -3.47
N VAL A 158 24.50 2.81 -2.70
CA VAL A 158 23.58 1.83 -2.14
C VAL A 158 22.15 2.24 -2.52
N ALA A 159 21.38 1.31 -3.08
CA ALA A 159 20.01 1.58 -3.53
C ALA A 159 19.16 0.32 -3.48
N ASP A 160 17.92 0.46 -3.02
CA ASP A 160 17.03 -0.68 -2.90
C ASP A 160 16.10 -0.82 -4.11
N LEU A 161 16.18 -1.97 -4.77
CA LEU A 161 15.35 -2.27 -5.94
C LEU A 161 14.00 -2.90 -5.61
N GLY A 162 13.91 -3.49 -4.42
CA GLY A 162 12.65 -4.05 -3.94
C GLY A 162 12.13 -3.20 -2.80
N ALA A 163 11.81 -3.83 -1.69
CA ALA A 163 11.31 -3.12 -0.51
C ALA A 163 12.28 -2.05 -0.07
N MET A 164 11.76 -0.89 0.33
CA MET A 164 12.65 0.12 0.90
C MET A 164 12.10 0.94 2.06
N VAL A 165 10.80 0.84 2.32
CA VAL A 165 10.16 1.67 3.33
C VAL A 165 9.66 0.83 4.50
N VAL A 166 9.95 1.31 5.71
CA VAL A 166 9.43 0.73 6.93
C VAL A 166 8.24 1.61 7.32
N THR A 167 7.05 1.04 7.23
CA THR A 167 5.81 1.83 7.25
C THR A 167 5.35 2.15 8.66
N GLY A 168 6.21 2.79 9.44
CA GLY A 168 5.89 3.12 10.83
C GLY A 168 6.33 2.04 11.78
N LEU A 169 6.80 2.45 12.96
CA LEU A 169 7.37 1.54 13.95
C LEU A 169 6.35 0.98 14.95
N GLY A 170 5.29 1.75 15.20
CA GLY A 170 4.34 1.41 16.25
C GLY A 170 3.56 0.14 15.98
N GLY A 171 4.04 -0.97 16.57
CA GLY A 171 3.43 -2.29 16.39
C GLY A 171 4.16 -3.14 15.36
N ASN A 172 5.22 -2.59 14.77
CA ASN A 172 5.93 -3.22 13.66
C ASN A 172 7.05 -4.12 14.17
N PRO A 173 7.00 -5.43 13.84
CA PRO A 173 8.08 -6.34 14.30
C PRO A 173 9.44 -5.98 13.66
N MET A 174 9.42 -5.20 12.59
CA MET A 174 10.66 -4.72 11.97
C MET A 174 11.39 -3.71 12.86
N ALA A 175 10.68 -3.14 13.82
CA ALA A 175 11.31 -2.28 14.84
C ALA A 175 12.28 -3.10 15.69
N VAL A 176 11.84 -4.31 16.07
CA VAL A 176 12.68 -5.26 16.80
C VAL A 176 13.86 -5.72 15.94
N VAL A 177 13.58 -6.13 14.70
CA VAL A 177 14.62 -6.68 13.81
C VAL A 177 15.66 -5.63 13.48
N SER A 178 15.20 -4.40 13.21
CA SER A 178 16.08 -3.25 13.02
C SER A 178 17.00 -2.99 14.24
N LYS A 179 16.42 -3.03 15.44
CA LYS A 179 17.18 -2.85 16.67
C LYS A 179 18.29 -3.92 16.75
N GLN A 180 17.90 -5.16 16.42
CA GLN A 180 18.79 -6.32 16.48
C GLN A 180 20.00 -6.25 15.56
N VAL A 181 19.79 -5.80 14.31
CA VAL A 181 20.88 -5.75 13.33
C VAL A 181 21.59 -4.39 13.27
N ASN A 182 21.23 -3.49 14.18
CA ASN A 182 21.75 -2.11 14.23
C ASN A 182 21.55 -1.36 12.92
N MET A 183 20.38 -1.55 12.33
CA MET A 183 20.03 -0.90 11.08
C MET A 183 19.42 0.48 11.36
N GLU A 184 20.16 1.52 11.01
CA GLU A 184 19.71 2.90 11.21
C GLU A 184 18.55 3.26 10.27
N LEU A 185 17.55 3.93 10.81
CA LEU A 185 16.37 4.32 10.07
C LEU A 185 16.22 5.84 10.05
N ALA A 186 15.79 6.40 8.91
CA ALA A 186 15.60 7.85 8.79
C ALA A 186 14.19 8.14 8.30
N LYS A 187 13.59 9.20 8.84
CA LYS A 187 12.26 9.60 8.47
C LYS A 187 12.24 10.10 7.03
N ILE A 188 11.10 9.93 6.38
CA ILE A 188 10.90 10.42 5.04
C ILE A 188 10.18 11.77 5.16
N LYS A 189 10.78 12.82 4.60
CA LYS A 189 10.12 14.14 4.56
C LYS A 189 8.93 14.09 3.60
N GLN A 190 7.83 14.71 4.00
CA GLN A 190 6.58 14.59 3.26
C GLN A 190 6.48 15.49 2.02
N LYS A 191 7.14 16.66 2.07
CA LYS A 191 7.09 17.64 0.99
C LYS A 191 7.42 16.99 -0.36
N CYS A 192 6.45 17.00 -1.26
CA CYS A 192 6.63 16.43 -2.58
C CYS A 192 6.12 17.41 -3.63
N PRO A 193 6.98 18.35 -4.05
CA PRO A 193 6.60 19.28 -5.11
C PRO A 193 6.39 18.55 -6.44
N LEU A 194 5.43 19.03 -7.22
CA LEU A 194 5.09 18.45 -8.50
C LEU A 194 5.49 19.36 -9.63
N TYR A 195 6.03 18.76 -10.69
CA TYR A 195 6.37 19.49 -11.89
C TYR A 195 5.59 18.92 -13.06
N GLU A 196 5.00 19.80 -13.86
CA GLU A 196 4.25 19.38 -15.05
C GLU A 196 5.21 18.86 -16.11
N ALA A 197 4.65 18.28 -17.18
CA ALA A 197 5.45 17.64 -18.24
C ALA A 197 6.49 18.56 -18.88
N ASN A 198 6.24 19.87 -18.85
CA ASN A 198 7.16 20.87 -19.40
C ASN A 198 8.23 21.33 -18.40
N GLY A 199 8.13 20.83 -17.16
CA GLY A 199 9.10 21.16 -16.11
C GLY A 199 8.66 22.23 -15.13
N GLN A 200 7.56 22.91 -15.43
CA GLN A 200 7.02 23.96 -14.56
C GLN A 200 6.52 23.39 -13.25
N ALA A 201 6.91 24.02 -12.14
CA ALA A 201 6.37 23.69 -10.82
C ALA A 201 4.87 23.92 -10.78
N VAL A 202 4.18 23.02 -10.10
CA VAL A 202 2.78 23.21 -9.78
C VAL A 202 2.76 24.07 -8.52
N PRO A 203 2.10 25.25 -8.59
CA PRO A 203 2.03 26.12 -7.42
C PRO A 203 1.25 25.51 -6.27
N LYS A 204 1.58 25.95 -5.06
CA LYS A 204 0.98 25.48 -3.81
C LYS A 204 -0.55 25.36 -3.91
N GLU A 205 -1.19 26.44 -4.37
CA GLU A 205 -2.65 26.53 -4.34
C GLU A 205 -3.29 25.44 -5.19
N LYS A 206 -2.81 25.30 -6.42
CA LYS A 206 -3.22 24.25 -7.34
C LYS A 206 -3.02 22.86 -6.76
N ASP A 207 -1.81 22.61 -6.28
CA ASP A 207 -1.44 21.33 -5.70
C ASP A 207 -2.43 20.88 -4.63
N GLU A 208 -2.71 21.78 -3.69
CA GLU A 208 -3.61 21.48 -2.59
C GLU A 208 -5.05 21.30 -3.06
N MET A 209 -5.46 22.03 -4.08
CA MET A 209 -6.82 21.94 -4.61
C MET A 209 -7.00 20.54 -5.20
N VAL A 210 -6.06 20.15 -6.06
CA VAL A 210 -6.15 18.86 -6.73
C VAL A 210 -6.04 17.70 -5.72
N GLU A 211 -5.13 17.81 -4.75
CA GLU A 211 -5.00 16.78 -3.73
C GLU A 211 -6.31 16.63 -2.97
N GLN A 212 -6.92 17.76 -2.63
CA GLN A 212 -8.21 17.77 -1.95
C GLN A 212 -9.27 17.04 -2.76
N GLU A 213 -9.33 17.31 -4.07
CA GLU A 213 -10.26 16.61 -4.96
C GLU A 213 -9.99 15.10 -5.01
N PHE A 214 -8.72 14.73 -5.06
CA PHE A 214 -8.32 13.33 -5.01
C PHE A 214 -8.91 12.65 -3.77
N ASN A 215 -8.73 13.27 -2.60
CA ASN A 215 -9.24 12.71 -1.35
C ASN A 215 -10.76 12.62 -1.31
N ARG A 216 -11.44 13.61 -1.90
CA ARG A 216 -12.90 13.60 -1.94
C ARG A 216 -13.40 12.49 -2.86
N LEU A 217 -12.74 12.35 -4.00
CA LEU A 217 -13.09 11.30 -4.96
C LEU A 217 -12.97 9.91 -4.31
N LEU A 218 -11.87 9.68 -3.60
CA LEU A 218 -11.66 8.41 -2.90
C LEU A 218 -12.68 8.18 -1.80
N GLU A 219 -12.94 9.23 -1.01
CA GLU A 219 -13.94 9.18 0.06
C GLU A 219 -15.30 8.80 -0.52
N ALA A 220 -15.62 9.36 -1.67
CA ALA A 220 -16.90 9.10 -2.32
C ALA A 220 -17.03 7.63 -2.76
N THR A 221 -15.94 7.03 -3.26
CA THR A 221 -15.97 5.61 -3.67
C THR A 221 -16.18 4.73 -2.45
N SER A 222 -15.58 5.13 -1.34
CA SER A 222 -15.70 4.41 -0.08
C SER A 222 -17.13 4.49 0.43
N TYR A 223 -17.76 5.65 0.23
CA TYR A 223 -19.16 5.85 0.56
C TYR A 223 -20.05 4.96 -0.33
N LEU A 224 -19.83 5.00 -1.64
CA LEU A 224 -20.59 4.15 -2.57
C LEU A 224 -20.50 2.67 -2.21
N SER A 225 -19.29 2.22 -1.84
CA SER A 225 -19.07 0.83 -1.50
C SER A 225 -19.67 0.38 -0.15
N HIS A 226 -19.33 1.08 0.93
CA HIS A 226 -19.59 0.58 2.29
C HIS A 226 -20.84 1.15 2.94
N GLN A 227 -21.45 2.13 2.30
CA GLN A 227 -22.70 2.70 2.79
C GLN A 227 -23.85 2.31 1.86
N LEU A 228 -23.64 2.49 0.56
CA LEU A 228 -24.67 2.17 -0.45
C LEU A 228 -24.55 0.79 -1.09
N ASP A 229 -23.52 0.03 -0.71
CA ASP A 229 -23.27 -1.32 -1.22
C ASP A 229 -23.28 -1.42 -2.76
N PHE A 230 -22.59 -0.51 -3.43
CA PHE A 230 -22.44 -0.55 -4.88
C PHE A 230 -21.20 -1.37 -5.25
N ASN A 231 -21.28 -2.69 -5.06
CA ASN A 231 -20.10 -3.53 -5.28
C ASN A 231 -20.19 -4.52 -6.44
N VAL A 232 -21.36 -4.55 -7.09
CA VAL A 232 -21.57 -5.45 -8.23
C VAL A 232 -22.30 -4.73 -9.37
N LEU A 233 -21.74 -4.84 -10.56
CA LEU A 233 -22.36 -4.31 -11.78
C LEU A 233 -22.22 -5.35 -12.90
N ASN A 234 -23.30 -5.57 -13.64
CA ASN A 234 -23.33 -6.54 -14.76
C ASN A 234 -22.85 -7.92 -14.35
N ASN A 235 -23.22 -8.36 -13.14
CA ASN A 235 -22.74 -9.61 -12.55
C ASN A 235 -21.21 -9.69 -12.46
N LYS A 236 -20.57 -8.53 -12.29
CA LYS A 236 -19.11 -8.44 -12.15
C LYS A 236 -18.77 -7.55 -10.96
N PRO A 237 -17.81 -7.98 -10.13
CA PRO A 237 -17.39 -7.14 -9.00
C PRO A 237 -16.79 -5.82 -9.54
N VAL A 238 -17.18 -4.70 -8.95
CA VAL A 238 -16.74 -3.38 -9.41
C VAL A 238 -15.32 -3.05 -8.91
N SER A 239 -14.53 -2.48 -9.79
CA SER A 239 -13.17 -2.06 -9.43
C SER A 239 -13.14 -0.66 -8.87
N LEU A 240 -12.05 -0.35 -8.19
CA LEU A 240 -11.82 1.00 -7.65
C LEU A 240 -11.76 2.01 -8.80
N GLY A 241 -11.04 1.67 -9.85
CA GLY A 241 -10.93 2.54 -11.03
C GLY A 241 -12.29 2.83 -11.63
N GLN A 242 -13.12 1.79 -11.73
CA GLN A 242 -14.44 1.87 -12.32
C GLN A 242 -15.30 2.85 -11.53
N ALA A 243 -15.27 2.70 -10.21
CA ALA A 243 -16.01 3.55 -9.29
C ALA A 243 -15.52 5.00 -9.37
N LEU A 244 -14.22 5.18 -9.53
CA LEU A 244 -13.64 6.51 -9.61
C LEU A 244 -14.19 7.24 -10.83
N GLU A 245 -14.24 6.54 -11.96
CA GLU A 245 -14.73 7.18 -13.18
C GLU A 245 -16.22 7.50 -13.10
N VAL A 246 -16.96 6.68 -12.35
CA VAL A 246 -18.37 6.96 -12.11
C VAL A 246 -18.48 8.24 -11.29
N VAL A 247 -17.67 8.36 -10.24
CA VAL A 247 -17.75 9.56 -9.39
C VAL A 247 -17.31 10.80 -10.16
N ILE A 248 -16.30 10.64 -11.01
CA ILE A 248 -15.85 11.75 -11.84
C ILE A 248 -16.96 12.20 -12.80
N GLN A 249 -17.63 11.24 -13.44
CA GLN A 249 -18.74 11.56 -14.35
C GLN A 249 -19.87 12.32 -13.67
N LEU A 250 -20.20 11.94 -12.45
CA LEU A 250 -21.23 12.63 -11.68
C LEU A 250 -20.84 14.07 -11.39
N GLN A 251 -19.56 14.29 -11.07
CA GLN A 251 -19.06 15.64 -10.84
C GLN A 251 -19.13 16.51 -12.08
N GLU A 252 -18.78 15.95 -13.23
CA GLU A 252 -18.87 16.66 -14.51
C GLU A 252 -20.32 17.00 -14.85
N LYS A 253 -21.24 16.09 -14.50
CA LYS A 253 -22.65 16.30 -14.75
C LYS A 253 -23.15 17.46 -13.89
N HIS A 254 -22.77 17.44 -12.62
CA HIS A 254 -23.12 18.51 -11.70
C HIS A 254 -22.64 19.87 -12.23
N VAL A 255 -21.41 19.93 -12.73
CA VAL A 255 -20.86 21.14 -13.32
C VAL A 255 -21.66 21.61 -14.55
N LYS A 256 -22.08 20.67 -15.39
CA LYS A 256 -22.85 21.03 -16.57
C LYS A 256 -24.26 21.52 -16.19
N ASP A 257 -24.81 20.97 -15.10
CA ASP A 257 -26.13 21.37 -14.59
C ASP A 257 -26.14 22.81 -14.12
N GLU A 258 -25.13 23.16 -13.31
CA GLU A 258 -25.05 24.48 -12.71
C GLU A 258 -24.73 25.54 -13.76
N GLN A 259 -23.99 25.13 -14.78
CA GLN A 259 -23.70 25.95 -15.92
C GLN A 259 -24.98 26.26 -16.69
N ILE A 260 -25.77 25.22 -16.95
CA ILE A 260 -27.04 25.34 -17.68
C ILE A 260 -28.01 26.26 -16.94
N GLU A 261 -28.11 26.08 -15.62
CA GLU A 261 -29.00 26.87 -14.80
C GLU A 261 -28.63 28.33 -14.85
N HIS A 262 -27.33 28.59 -14.82
CA HIS A 262 -26.80 29.93 -14.91
C HIS A 262 -27.14 30.58 -16.25
N TRP A 263 -26.92 29.85 -17.34
CA TRP A 263 -27.25 30.33 -18.68
C TRP A 263 -28.73 30.67 -18.81
N LYS A 264 -29.58 29.89 -18.13
CA LYS A 264 -31.02 30.15 -18.15
C LYS A 264 -31.39 31.42 -17.39
N LYS A 265 -30.78 31.63 -16.23
CA LYS A 265 -30.96 32.87 -15.46
C LYS A 265 -30.58 34.10 -16.29
N ILE A 266 -29.44 34.02 -16.95
CA ILE A 266 -28.98 35.07 -17.87
C ILE A 266 -30.00 35.27 -18.99
N VAL A 267 -30.37 34.20 -19.69
CA VAL A 267 -31.30 34.31 -20.82
C VAL A 267 -32.66 34.89 -20.38
N LYS A 268 -33.14 34.48 -19.21
CA LYS A 268 -34.36 35.02 -18.64
C LYS A 268 -34.24 36.54 -18.44
N THR A 269 -33.15 36.96 -17.80
CA THR A 269 -32.88 38.36 -17.54
C THR A 269 -32.70 39.17 -18.84
N GLN A 270 -32.05 38.58 -19.84
CA GLN A 270 -31.93 39.21 -21.16
C GLN A 270 -33.27 39.38 -21.86
N GLU A 271 -34.15 38.40 -21.68
CA GLU A 271 -35.49 38.46 -22.24
C GLU A 271 -36.29 39.58 -21.60
N GLU A 272 -36.25 39.66 -20.27
CA GLU A 272 -36.99 40.65 -19.50
C GLU A 272 -36.58 42.08 -19.89
N LEU A 273 -35.27 42.31 -19.97
CA LEU A 273 -34.73 43.57 -20.46
C LEU A 273 -35.29 43.95 -21.83
N LYS A 274 -35.16 43.04 -22.79
CA LYS A 274 -35.65 43.26 -24.15
C LYS A 274 -37.12 43.65 -24.19
N GLU A 275 -37.93 42.96 -23.39
CA GLU A 275 -39.38 43.21 -23.32
C GLU A 275 -39.71 44.53 -22.63
N LEU A 276 -38.89 44.91 -21.64
CA LEU A 276 -39.06 46.17 -20.95
C LEU A 276 -38.60 47.33 -21.83
N LEU A 277 -37.54 47.11 -22.60
CA LEU A 277 -37.10 48.09 -23.59
C LEU A 277 -38.19 48.39 -24.59
N ASN A 278 -38.84 47.34 -25.09
CA ASN A 278 -39.93 47.47 -26.05
C ASN A 278 -41.04 48.42 -25.55
N LYS A 279 -41.59 48.14 -24.37
CA LYS A 279 -42.67 48.95 -23.82
C LYS A 279 -42.21 50.36 -23.43
N MET A 280 -40.93 50.50 -23.09
CA MET A 280 -40.32 51.80 -22.83
C MET A 280 -40.19 52.60 -24.11
N VAL A 281 -39.89 51.92 -25.21
CA VAL A 281 -39.84 52.54 -26.53
C VAL A 281 -41.23 53.04 -26.92
N ASN A 282 -42.25 52.25 -26.61
CA ASN A 282 -43.63 52.61 -26.93
C ASN A 282 -44.21 53.68 -26.01
N LEU A 283 -43.77 53.71 -24.75
CA LEU A 283 -44.19 54.76 -23.82
C LEU A 283 -43.61 56.10 -24.26
N LYS A 284 -42.37 56.06 -24.75
CA LYS A 284 -41.72 57.23 -25.35
C LYS A 284 -42.52 57.74 -26.54
N GLU A 285 -42.99 56.81 -27.38
CA GLU A 285 -43.82 57.14 -28.54
C GLU A 285 -45.20 57.69 -28.14
N LYS A 286 -45.64 57.34 -26.94
CA LYS A 286 -46.89 57.83 -26.38
C LYS A 286 -46.70 59.23 -25.78
N ILE A 287 -45.53 59.47 -25.19
CA ILE A 287 -45.13 60.80 -24.70
C ILE A 287 -45.01 61.77 -25.88
N LYS A 288 -44.40 61.30 -26.96
CA LYS A 288 -44.24 62.08 -28.18
C LYS A 288 -45.57 62.57 -28.74
N GLU A 289 -46.48 61.62 -29.05
CA GLU A 289 -47.76 61.95 -29.67
C GLU A 289 -48.79 62.56 -28.69
N LEU A 290 -48.30 63.03 -27.55
CA LEU A 290 -49.11 63.86 -26.67
C LEU A 290 -48.54 65.28 -26.72
N HIS A 291 -48.34 65.77 -27.95
CA HIS A 291 -47.83 67.12 -28.21
C HIS A 291 -48.53 67.74 -29.41
N ILE A 306 -63.47 74.56 -23.20
CA ILE A 306 -62.26 74.34 -22.41
C ILE A 306 -61.30 75.54 -22.54
N THR A 307 -61.03 76.21 -21.43
CA THR A 307 -60.14 77.38 -21.40
C THR A 307 -58.70 76.96 -21.65
N ALA A 308 -57.94 77.85 -22.28
CA ALA A 308 -56.51 77.62 -22.55
C ALA A 308 -55.75 77.16 -21.31
N GLU A 309 -56.02 77.81 -20.19
CA GLU A 309 -55.35 77.53 -18.92
C GLU A 309 -55.71 76.16 -18.35
N PHE A 310 -56.95 75.71 -18.55
CA PHE A 310 -57.32 74.36 -18.11
C PHE A 310 -56.70 73.29 -19.00
N LEU A 311 -56.58 73.58 -20.30
CA LEU A 311 -55.89 72.69 -21.24
C LEU A 311 -54.40 72.53 -20.87
N VAL A 312 -53.77 73.62 -20.44
CA VAL A 312 -52.38 73.61 -20.00
C VAL A 312 -52.23 72.76 -18.73
N LYS A 313 -53.09 72.99 -17.73
CA LYS A 313 -53.12 72.15 -16.54
C LYS A 313 -53.35 70.67 -16.88
N SER A 314 -54.28 70.42 -17.80
CA SER A 314 -54.68 69.07 -18.18
C SER A 314 -53.54 68.30 -18.84
N LYS A 315 -52.82 68.97 -19.74
CA LYS A 315 -51.69 68.34 -20.41
C LYS A 315 -50.59 68.03 -19.41
N HIS A 316 -50.41 68.93 -18.45
CA HIS A 316 -49.40 68.76 -17.41
C HIS A 316 -49.63 67.53 -16.53
N ARG A 317 -50.85 67.36 -16.01
CA ARG A 317 -51.13 66.19 -15.18
C ARG A 317 -51.10 64.88 -15.99
N ASP A 318 -51.61 64.93 -17.23
CA ASP A 318 -51.56 63.78 -18.13
C ASP A 318 -50.12 63.37 -18.44
N LEU A 319 -49.29 64.35 -18.77
CA LEU A 319 -47.91 64.07 -19.15
C LEU A 319 -47.07 63.58 -17.97
N THR A 320 -47.30 64.12 -16.77
CA THR A 320 -46.55 63.68 -15.60
C THR A 320 -47.03 62.34 -15.05
N ALA A 321 -48.26 61.95 -15.40
CA ALA A 321 -48.73 60.58 -15.11
C ALA A 321 -47.95 59.59 -15.99
N LEU A 322 -47.65 59.99 -17.23
CA LEU A 322 -46.88 59.14 -18.13
C LEU A 322 -45.40 59.11 -17.79
N CYS A 323 -44.88 60.24 -17.30
CA CYS A 323 -43.48 60.34 -16.90
C CYS A 323 -43.20 59.61 -15.59
N LYS A 324 -44.18 59.58 -14.70
CA LYS A 324 -44.13 58.80 -13.46
C LYS A 324 -44.16 57.29 -13.77
N GLU A 325 -44.96 56.92 -14.77
CA GLU A 325 -45.02 55.55 -15.28
C GLU A 325 -43.66 55.15 -15.89
N TYR A 326 -43.08 56.06 -16.66
CA TYR A 326 -41.78 55.84 -17.29
C TYR A 326 -40.65 55.69 -16.26
N ASP A 327 -40.71 56.47 -15.18
CA ASP A 327 -39.72 56.39 -14.10
C ASP A 327 -39.80 55.06 -13.35
N GLU A 328 -41.03 54.57 -13.14
CA GLU A 328 -41.23 53.24 -12.56
C GLU A 328 -40.50 52.16 -13.36
N LEU A 329 -40.62 52.22 -14.68
CA LEU A 329 -39.99 51.23 -15.56
C LEU A 329 -38.48 51.39 -15.62
N ALA A 330 -38.00 52.63 -15.70
CA ALA A 330 -36.56 52.90 -15.69
C ALA A 330 -35.91 52.33 -14.43
N GLU A 331 -36.61 52.41 -13.30
CA GLU A 331 -36.15 51.83 -12.05
C GLU A 331 -35.97 50.30 -12.19
N THR A 332 -36.97 49.64 -12.77
CA THR A 332 -36.89 48.21 -12.99
C THR A 332 -35.81 47.85 -14.03
N GLN A 333 -35.60 48.73 -15.01
CA GLN A 333 -34.50 48.57 -15.97
C GLN A 333 -33.15 48.54 -15.27
N GLY A 334 -32.95 49.47 -14.33
CA GLY A 334 -31.73 49.54 -13.54
C GLY A 334 -31.49 48.30 -12.70
N LYS A 335 -32.55 47.79 -12.07
CA LYS A 335 -32.50 46.60 -11.23
C LYS A 335 -32.17 45.33 -12.04
N LEU A 336 -32.66 45.27 -13.27
CA LEU A 336 -32.41 44.14 -14.16
C LEU A 336 -31.01 44.14 -14.77
N GLU A 337 -30.55 45.31 -15.24
CA GLU A 337 -29.19 45.45 -15.76
C GLU A 337 -28.13 45.15 -14.70
N GLU A 338 -28.43 45.50 -13.45
CA GLU A 338 -27.57 45.21 -12.31
C GLU A 338 -27.52 43.71 -12.04
N LYS A 339 -28.70 43.07 -12.06
CA LYS A 339 -28.82 41.63 -11.89
C LYS A 339 -28.08 40.86 -12.99
N LEU A 340 -28.20 41.34 -14.23
CA LEU A 340 -27.53 40.74 -15.38
C LEU A 340 -26.01 40.81 -15.25
N GLN A 341 -25.51 42.00 -14.95
CA GLN A 341 -24.06 42.20 -14.81
C GLN A 341 -23.48 41.33 -13.71
N GLU A 342 -24.27 41.15 -12.64
CA GLU A 342 -23.90 40.35 -11.48
C GLU A 342 -23.80 38.86 -11.82
N LEU A 343 -24.72 38.37 -12.65
CA LEU A 343 -24.68 36.98 -13.13
C LEU A 343 -23.48 36.74 -14.05
N GLU A 344 -23.26 37.65 -15.01
CA GLU A 344 -22.14 37.56 -15.95
C GLU A 344 -20.77 37.76 -15.30
N ALA A 345 -20.77 38.23 -14.05
CA ALA A 345 -19.55 38.41 -13.28
C ALA A 345 -19.25 37.18 -12.44
N ASN A 346 -20.30 36.49 -12.00
CA ASN A 346 -20.17 35.32 -11.13
C ASN A 346 -20.66 34.00 -11.76
N PRO A 347 -20.11 33.62 -12.94
CA PRO A 347 -20.52 32.30 -13.43
C PRO A 347 -19.89 31.19 -12.58
N PRO A 348 -20.52 30.00 -12.54
CA PRO A 348 -19.85 28.87 -11.90
C PRO A 348 -18.82 28.25 -12.86
N SER A 349 -18.07 27.26 -12.38
CA SER A 349 -17.00 26.60 -13.15
C SER A 349 -17.46 26.18 -14.54
N ASP A 350 -16.59 26.41 -15.53
CA ASP A 350 -16.82 25.97 -16.90
C ASP A 350 -16.61 24.44 -17.06
N VAL A 351 -15.63 23.91 -16.33
CA VAL A 351 -15.32 22.48 -16.34
C VAL A 351 -15.06 21.96 -14.93
N TYR A 352 -15.25 20.66 -14.73
CA TYR A 352 -14.87 20.04 -13.46
C TYR A 352 -13.35 20.12 -13.25
N LEU A 353 -12.60 19.73 -14.27
CA LEU A 353 -11.14 19.80 -14.22
C LEU A 353 -10.63 20.13 -15.61
N SER A 354 -9.71 21.09 -15.68
CA SER A 354 -9.05 21.39 -16.94
C SER A 354 -8.17 20.21 -17.34
N SER A 355 -7.73 20.16 -18.60
CA SER A 355 -6.74 19.17 -19.04
C SER A 355 -5.56 19.12 -18.10
N ARG A 356 -5.06 20.30 -17.73
CA ARG A 356 -3.93 20.38 -16.81
C ARG A 356 -4.30 19.87 -15.43
N ASP A 357 -5.50 20.24 -14.94
CA ASP A 357 -5.97 19.77 -13.64
C ASP A 357 -6.08 18.25 -13.60
N ARG A 358 -6.57 17.67 -14.71
CA ARG A 358 -6.78 16.24 -14.82
C ARG A 358 -5.44 15.51 -14.78
N GLN A 359 -4.44 16.04 -15.48
CA GLN A 359 -3.11 15.46 -15.48
C GLN A 359 -2.55 15.40 -14.06
N ILE A 360 -2.77 16.47 -13.30
CA ILE A 360 -2.27 16.53 -11.93
C ILE A 360 -3.02 15.53 -11.04
N LEU A 361 -4.33 15.43 -11.23
CA LEU A 361 -5.13 14.41 -10.57
C LEU A 361 -4.60 13.01 -10.90
N ASP A 362 -4.20 12.81 -12.15
CA ASP A 362 -3.62 11.54 -12.59
C ASP A 362 -2.33 11.19 -11.86
N TRP A 363 -1.58 12.20 -11.41
CA TRP A 363 -0.37 11.96 -10.64
C TRP A 363 -0.75 11.28 -9.33
N HIS A 364 -1.81 11.77 -8.69
CA HIS A 364 -2.29 11.18 -7.44
C HIS A 364 -2.80 9.76 -7.64
N PHE A 365 -3.44 9.49 -8.78
CA PHE A 365 -3.86 8.14 -9.14
C PHE A 365 -2.66 7.22 -9.35
N ALA A 366 -1.66 7.72 -10.09
CA ALA A 366 -0.37 7.03 -10.31
C ALA A 366 0.26 6.64 -8.98
N ASN A 367 0.32 7.59 -8.06
CA ASN A 367 0.85 7.33 -6.72
C ASN A 367 0.10 6.19 -6.03
N LEU A 368 -1.22 6.18 -6.16
CA LEU A 368 -2.04 5.10 -5.59
C LEU A 368 -1.77 3.76 -6.31
N GLU A 369 -1.52 3.82 -7.61
CA GLU A 369 -1.17 2.62 -8.34
C GLU A 369 0.20 2.09 -7.94
N PHE A 370 1.06 3.00 -7.48
CA PHE A 370 2.37 2.63 -6.97
C PHE A 370 2.21 1.86 -5.66
N ALA A 371 1.52 2.47 -4.70
CA ALA A 371 1.30 1.84 -3.39
C ALA A 371 0.65 0.45 -3.52
N ASN A 372 -0.30 0.31 -4.44
CA ASN A 372 -1.00 -0.98 -4.63
C ASN A 372 -0.35 -1.92 -5.65
N ALA A 373 0.67 -1.41 -6.34
CA ALA A 373 1.39 -2.13 -7.40
C ALA A 373 0.53 -2.62 -8.57
N THR A 374 -0.53 -1.89 -8.91
CA THR A 374 -1.41 -2.34 -9.99
C THR A 374 -2.34 -1.22 -10.48
N PRO A 375 -2.78 -1.30 -11.76
CA PRO A 375 -3.75 -0.29 -12.20
C PRO A 375 -5.01 -0.31 -11.34
N LEU A 376 -5.59 0.86 -11.12
CA LEU A 376 -6.79 1.01 -10.29
C LEU A 376 -7.99 0.18 -10.77
N SER A 377 -8.08 -0.02 -12.08
CA SER A 377 -9.16 -0.82 -12.66
C SER A 377 -9.09 -2.32 -12.30
N THR A 378 -8.03 -2.76 -11.62
CA THR A 378 -7.88 -4.16 -11.23
C THR A 378 -8.17 -4.38 -9.74
N LEU A 379 -8.25 -3.28 -8.98
CA LEU A 379 -8.41 -3.34 -7.53
C LEU A 379 -9.88 -3.52 -7.14
N SER A 380 -10.13 -4.35 -6.15
CA SER A 380 -11.48 -4.52 -5.61
C SER A 380 -11.94 -3.25 -4.91
N LEU A 381 -13.03 -2.66 -5.40
CA LEU A 381 -13.59 -1.49 -4.74
C LEU A 381 -13.85 -1.76 -3.25
N LYS A 382 -14.48 -2.89 -2.95
CA LYS A 382 -14.88 -3.20 -1.57
C LYS A 382 -13.70 -3.53 -0.66
N HIS A 383 -12.68 -4.19 -1.21
CA HIS A 383 -11.65 -4.80 -0.36
C HIS A 383 -10.21 -4.30 -0.56
N TRP A 384 -9.99 -3.42 -1.53
CA TRP A 384 -8.61 -3.02 -1.87
C TRP A 384 -7.83 -2.57 -0.64
N ASP A 385 -8.51 -1.88 0.28
CA ASP A 385 -7.87 -1.35 1.50
C ASP A 385 -8.32 -2.07 2.78
N GLN A 386 -8.69 -3.35 2.65
CA GLN A 386 -9.19 -4.15 3.78
C GLN A 386 -8.26 -4.20 5.00
N ASP A 387 -6.97 -3.95 4.77
CA ASP A 387 -5.95 -4.04 5.82
C ASP A 387 -5.62 -2.73 6.52
N ASP A 388 -6.27 -1.64 6.10
CA ASP A 388 -6.04 -0.32 6.71
C ASP A 388 -6.13 -0.31 8.24
N ASP A 389 -7.04 -1.11 8.79
CA ASP A 389 -7.26 -1.19 10.24
C ASP A 389 -6.01 -1.62 11.01
N PHE A 390 -5.01 -2.15 10.32
CA PHE A 390 -3.85 -2.76 11.00
C PHE A 390 -2.56 -2.01 10.73
N GLU A 391 -2.69 -0.85 10.11
CA GLU A 391 -1.53 0.01 9.83
C GLU A 391 -0.86 0.41 11.13
N PHE A 392 0.46 0.49 11.07
CA PHE A 392 1.26 0.86 12.23
C PHE A 392 1.24 2.38 12.44
N THR A 393 1.55 2.83 13.65
CA THR A 393 1.66 4.26 13.93
C THR A 393 3.10 4.72 13.75
N GLY A 394 3.27 6.01 13.50
CA GLY A 394 4.59 6.63 13.38
C GLY A 394 4.89 7.01 11.95
N SER A 395 5.94 7.80 11.77
CA SER A 395 6.43 8.18 10.45
C SER A 395 7.00 6.98 9.70
N HIS A 396 6.84 6.99 8.38
CA HIS A 396 7.43 6.01 7.49
C HIS A 396 8.93 6.32 7.33
N LEU A 397 9.74 5.27 7.27
CA LEU A 397 11.19 5.45 7.32
C LEU A 397 11.88 4.68 6.21
N THR A 398 13.06 5.14 5.82
CA THR A 398 13.92 4.40 4.90
C THR A 398 15.11 3.85 5.68
N VAL A 399 15.83 2.93 5.06
CA VAL A 399 16.99 2.26 5.66
C VAL A 399 18.29 2.98 5.27
N ARG A 400 19.21 3.13 6.23
CA ARG A 400 20.44 3.90 6.02
C ARG A 400 21.37 3.26 4.99
N ASN A 401 21.64 1.97 5.15
CA ASN A 401 22.61 1.31 4.30
C ASN A 401 22.06 0.08 3.56
N GLY A 402 20.83 0.20 3.05
CA GLY A 402 20.23 -0.85 2.23
C GLY A 402 19.52 -1.92 3.03
N TYR A 403 18.32 -2.27 2.59
CA TYR A 403 17.44 -3.16 3.33
C TYR A 403 17.95 -4.61 3.39
N SER A 404 18.85 -4.99 2.48
CA SER A 404 19.41 -6.36 2.49
C SER A 404 20.14 -6.74 3.79
N CYS A 405 20.53 -5.75 4.60
CA CYS A 405 21.09 -6.04 5.93
C CYS A 405 20.17 -6.98 6.72
N VAL A 406 18.86 -6.83 6.56
CA VAL A 406 17.90 -7.68 7.27
C VAL A 406 17.98 -9.17 6.85
N PRO A 407 17.72 -9.49 5.57
CA PRO A 407 17.82 -10.91 5.22
C PRO A 407 19.24 -11.50 5.35
N VAL A 408 20.27 -10.73 5.02
CA VAL A 408 21.66 -11.19 5.23
C VAL A 408 21.87 -11.59 6.70
N ALA A 409 21.50 -10.71 7.62
CA ALA A 409 21.60 -10.99 9.06
C ALA A 409 20.78 -12.20 9.49
N LEU A 410 19.56 -12.32 8.97
CA LEU A 410 18.68 -13.45 9.30
C LEU A 410 19.21 -14.78 8.77
N ALA A 411 20.00 -14.73 7.71
CA ALA A 411 20.57 -15.95 7.09
C ALA A 411 21.66 -16.61 7.94
N GLU A 412 22.32 -15.81 8.79
CA GLU A 412 23.40 -16.32 9.65
C GLU A 412 23.07 -17.64 10.35
N GLY A 413 23.93 -18.63 10.10
CA GLY A 413 23.83 -19.92 10.79
C GLY A 413 22.84 -20.89 10.18
N LEU A 414 22.21 -20.50 9.08
CA LEU A 414 21.21 -21.37 8.44
C LEU A 414 21.79 -22.15 7.29
N ASP A 415 21.22 -23.33 7.05
CA ASP A 415 21.60 -24.15 5.93
C ASP A 415 20.83 -23.79 4.65
N ILE A 416 21.44 -22.94 3.83
CA ILE A 416 20.82 -22.40 2.64
C ILE A 416 21.48 -22.91 1.35
N LYS A 417 20.70 -23.60 0.52
CA LYS A 417 21.18 -24.00 -0.81
C LYS A 417 20.80 -22.96 -1.85
N LEU A 418 21.78 -22.16 -2.27
CA LEU A 418 21.59 -21.19 -3.33
C LEU A 418 21.62 -21.86 -4.72
N ASN A 419 21.25 -21.09 -5.75
CA ASN A 419 21.19 -21.60 -7.14
C ASN A 419 20.53 -22.96 -7.24
N THR A 420 19.48 -23.15 -6.43
CA THR A 420 18.76 -24.41 -6.33
C THR A 420 17.28 -24.13 -6.56
N ALA A 421 16.85 -24.29 -7.80
CA ALA A 421 15.46 -24.03 -8.20
C ALA A 421 14.60 -25.26 -8.04
N VAL A 422 13.64 -25.17 -7.10
CA VAL A 422 12.69 -26.25 -6.85
C VAL A 422 11.74 -26.41 -8.07
N ARG A 423 11.50 -27.66 -8.47
CA ARG A 423 10.68 -27.96 -9.65
C ARG A 423 9.49 -28.86 -9.36
N GLN A 424 9.62 -29.72 -8.36
CA GLN A 424 8.53 -30.62 -8.00
C GLN A 424 8.49 -30.82 -6.49
N VAL A 425 7.27 -30.85 -5.95
CA VAL A 425 7.02 -31.09 -4.54
C VAL A 425 6.05 -32.26 -4.46
N ARG A 426 6.52 -33.34 -3.83
CA ARG A 426 5.70 -34.53 -3.63
C ARG A 426 5.45 -34.65 -2.14
N TYR A 427 4.20 -34.89 -1.76
CA TYR A 427 3.83 -34.98 -0.34
C TYR A 427 2.81 -36.10 -0.14
N THR A 428 3.07 -36.96 0.84
CA THR A 428 2.20 -38.10 1.13
C THR A 428 1.98 -38.19 2.63
N ALA A 429 1.05 -39.07 3.02
CA ALA A 429 0.73 -39.32 4.43
C ALA A 429 1.92 -39.84 5.24
N SER A 430 3.00 -40.22 4.55
CA SER A 430 4.19 -40.78 5.21
C SER A 430 5.42 -39.87 5.14
N GLY A 431 5.33 -38.81 4.34
CA GLY A 431 6.43 -37.85 4.22
C GLY A 431 6.43 -37.07 2.92
N CYS A 432 7.51 -36.34 2.68
CA CYS A 432 7.60 -35.46 1.52
C CYS A 432 8.94 -35.59 0.82
N GLU A 433 8.93 -35.32 -0.48
CA GLU A 433 10.14 -35.19 -1.28
C GLU A 433 10.07 -33.89 -2.08
N VAL A 434 11.19 -33.20 -2.19
CA VAL A 434 11.28 -31.97 -2.97
C VAL A 434 12.39 -32.11 -4.01
N ILE A 435 12.03 -31.99 -5.29
CA ILE A 435 13.02 -32.08 -6.34
C ILE A 435 13.44 -30.69 -6.83
N ALA A 436 14.75 -30.45 -6.85
CA ALA A 436 15.29 -29.19 -7.33
C ALA A 436 16.39 -29.40 -8.36
N VAL A 437 16.71 -28.36 -9.11
CA VAL A 437 17.79 -28.42 -10.08
C VAL A 437 18.75 -27.27 -9.85
N ASN A 438 20.02 -27.48 -10.23
CA ASN A 438 20.98 -26.41 -10.16
C ASN A 438 20.75 -25.47 -11.31
N THR A 439 20.87 -24.17 -11.05
CA THR A 439 20.56 -23.17 -12.05
C THR A 439 21.81 -22.77 -12.85
N ARG A 440 22.98 -23.25 -12.43
CA ARG A 440 24.20 -23.05 -13.20
C ARG A 440 24.53 -24.27 -14.07
N SER A 441 24.06 -25.43 -13.63
CA SER A 441 24.13 -26.67 -14.40
C SER A 441 22.82 -27.45 -14.29
N THR A 442 21.87 -27.15 -15.16
CA THR A 442 20.51 -27.72 -15.09
C THR A 442 20.46 -29.24 -15.28
N SER A 443 21.63 -29.83 -15.50
CA SER A 443 21.77 -31.28 -15.60
C SER A 443 21.61 -31.97 -14.25
N GLN A 444 22.35 -31.49 -13.23
CA GLN A 444 22.30 -32.10 -11.89
C GLN A 444 21.03 -31.72 -11.11
N THR A 445 20.36 -32.76 -10.61
CA THR A 445 19.11 -32.60 -9.88
C THR A 445 19.18 -33.26 -8.51
N PHE A 446 18.69 -32.55 -7.51
CA PHE A 446 18.71 -33.02 -6.12
C PHE A 446 17.31 -33.47 -5.70
N ILE A 447 17.28 -34.48 -4.81
CA ILE A 447 16.04 -34.93 -4.19
C ILE A 447 16.21 -34.77 -2.68
N TYR A 448 15.32 -34.01 -2.04
CA TYR A 448 15.42 -33.75 -0.59
C TYR A 448 14.23 -34.34 0.16
N LYS A 449 14.52 -35.26 1.07
CA LYS A 449 13.48 -35.91 1.86
C LYS A 449 13.23 -35.09 3.12
N CYS A 450 11.97 -35.08 3.56
CA CYS A 450 11.59 -34.29 4.72
C CYS A 450 10.22 -34.72 5.21
N ASP A 451 9.90 -34.31 6.44
CA ASP A 451 8.61 -34.58 7.04
C ASP A 451 7.59 -33.50 6.68
N ALA A 452 8.08 -32.31 6.34
CA ALA A 452 7.24 -31.16 6.08
C ALA A 452 7.88 -30.21 5.08
N VAL A 453 7.05 -29.65 4.20
CA VAL A 453 7.49 -28.62 3.26
C VAL A 453 6.84 -27.27 3.61
N LEU A 454 7.66 -26.23 3.73
CA LEU A 454 7.11 -24.89 3.83
C LEU A 454 7.34 -24.16 2.52
N CYS A 455 6.25 -23.86 1.83
CA CYS A 455 6.31 -23.17 0.55
C CYS A 455 6.26 -21.64 0.71
N THR A 456 7.33 -20.94 0.36
CA THR A 456 7.29 -19.47 0.36
C THR A 456 7.39 -18.85 -1.05
N LEU A 457 7.04 -19.64 -2.05
CA LEU A 457 7.01 -19.16 -3.43
C LEU A 457 6.11 -17.93 -3.54
N PRO A 458 6.58 -16.89 -4.26
CA PRO A 458 5.75 -15.73 -4.52
C PRO A 458 4.49 -16.15 -5.24
N LEU A 459 3.39 -15.47 -4.94
CA LEU A 459 2.11 -15.69 -5.61
C LEU A 459 2.26 -15.68 -7.14
N GLY A 460 3.12 -14.82 -7.65
CA GLY A 460 3.38 -14.75 -9.09
C GLY A 460 3.95 -16.06 -9.61
N VAL A 461 4.79 -16.71 -8.79
CA VAL A 461 5.38 -17.98 -9.22
C VAL A 461 4.29 -19.05 -9.18
N LEU A 462 3.44 -19.01 -8.16
CA LEU A 462 2.34 -19.97 -8.04
C LEU A 462 1.30 -19.83 -9.16
N LYS A 463 1.16 -18.61 -9.71
CA LYS A 463 0.23 -18.34 -10.82
C LYS A 463 0.79 -18.76 -12.18
N GLN A 464 2.10 -18.98 -12.25
CA GLN A 464 2.78 -19.14 -13.53
C GLN A 464 2.12 -20.21 -14.41
N GLN A 465 1.71 -19.81 -15.62
CA GLN A 465 1.21 -20.76 -16.62
C GLN A 465 2.32 -21.16 -17.57
N PRO A 466 2.25 -22.41 -18.09
CA PRO A 466 3.31 -23.36 -17.82
C PRO A 466 3.91 -23.15 -16.42
N PRO A 467 3.50 -24.03 -15.46
CA PRO A 467 3.92 -23.93 -14.06
C PRO A 467 5.43 -24.05 -13.88
N ALA A 468 5.97 -23.33 -12.91
CA ALA A 468 7.38 -23.42 -12.58
C ALA A 468 7.62 -24.57 -11.64
N VAL A 469 6.62 -24.87 -10.80
CA VAL A 469 6.75 -25.92 -9.79
C VAL A 469 5.54 -26.83 -9.85
N GLN A 470 5.79 -28.14 -9.86
CA GLN A 470 4.72 -29.13 -9.85
C GLN A 470 4.43 -29.65 -8.44
N PHE A 471 3.16 -29.86 -8.15
CA PHE A 471 2.75 -30.49 -6.89
C PHE A 471 2.12 -31.85 -7.16
N VAL A 472 2.71 -32.91 -6.62
CA VAL A 472 2.15 -34.27 -6.75
C VAL A 472 1.33 -34.56 -5.48
N PRO A 473 0.12 -35.12 -5.69
CA PRO A 473 -1.16 -34.49 -5.51
C PRO A 473 -1.11 -33.03 -5.96
N PRO A 474 -1.75 -32.72 -7.10
CA PRO A 474 -1.94 -31.31 -7.45
C PRO A 474 -2.64 -30.61 -6.30
N LEU A 475 -2.41 -29.32 -6.12
CA LEU A 475 -3.06 -28.58 -5.06
C LEU A 475 -4.57 -28.65 -5.25
N PRO A 476 -5.33 -28.78 -4.15
CA PRO A 476 -6.78 -28.85 -4.27
C PRO A 476 -7.39 -27.60 -4.91
N GLU A 477 -8.58 -27.74 -5.47
CA GLU A 477 -9.25 -26.66 -6.19
C GLU A 477 -9.45 -25.40 -5.34
N TRP A 478 -9.78 -25.55 -4.06
CA TRP A 478 -9.97 -24.39 -3.21
C TRP A 478 -8.70 -23.55 -3.07
N LYS A 479 -7.54 -24.18 -3.22
CA LYS A 479 -6.27 -23.47 -3.15
C LYS A 479 -5.95 -22.78 -4.47
N THR A 480 -6.08 -23.52 -5.58
CA THR A 480 -5.74 -23.01 -6.89
C THR A 480 -6.67 -21.89 -7.37
N SER A 481 -7.92 -21.94 -6.93
CA SER A 481 -8.88 -20.91 -7.31
C SER A 481 -8.58 -19.61 -6.54
N ALA A 482 -8.11 -19.76 -5.31
CA ALA A 482 -7.62 -18.60 -4.54
C ALA A 482 -6.40 -17.98 -5.22
N VAL A 483 -5.44 -18.82 -5.63
CA VAL A 483 -4.27 -18.39 -6.39
C VAL A 483 -4.70 -17.61 -7.64
N GLN A 484 -5.70 -18.13 -8.32
CA GLN A 484 -6.17 -17.51 -9.55
C GLN A 484 -6.90 -16.18 -9.32
N ARG A 485 -7.69 -16.09 -8.25
CA ARG A 485 -8.47 -14.88 -7.97
C ARG A 485 -7.60 -13.71 -7.56
N MET A 486 -6.60 -13.98 -6.72
CA MET A 486 -5.77 -12.94 -6.15
C MET A 486 -4.95 -12.20 -7.19
N GLY A 487 -4.77 -10.90 -6.98
CA GLY A 487 -3.90 -10.12 -7.86
C GLY A 487 -2.44 -10.23 -7.47
N PHE A 488 -1.57 -10.18 -8.46
CA PHE A 488 -0.14 -10.04 -8.22
C PHE A 488 0.34 -8.89 -9.07
N GLY A 489 0.79 -7.82 -8.40
CA GLY A 489 1.07 -6.58 -9.09
C GLY A 489 2.48 -6.44 -9.62
N ASN A 490 2.80 -5.22 -10.05
CA ASN A 490 4.10 -4.87 -10.58
C ASN A 490 4.42 -3.39 -10.34
N LEU A 491 5.70 -3.12 -10.22
CA LEU A 491 6.22 -1.82 -9.84
C LEU A 491 7.72 -1.87 -10.12
N ASN A 492 8.25 -0.84 -10.76
CA ASN A 492 9.69 -0.79 -11.04
C ASN A 492 10.39 0.51 -10.71
N LYS A 493 11.71 0.45 -10.70
CA LYS A 493 12.54 1.59 -10.37
C LYS A 493 13.75 1.70 -11.29
N VAL A 494 14.08 2.93 -11.65
CA VAL A 494 15.33 3.24 -12.34
C VAL A 494 16.25 3.94 -11.33
N VAL A 495 17.40 3.34 -11.09
CA VAL A 495 18.39 3.92 -10.17
C VAL A 495 19.41 4.73 -10.98
N LEU A 496 19.48 6.02 -10.70
CA LEU A 496 20.45 6.90 -11.35
C LEU A 496 21.50 7.37 -10.35
N CYS A 497 22.74 6.95 -10.55
CA CYS A 497 23.84 7.34 -9.67
C CYS A 497 24.67 8.47 -10.27
N PHE A 498 24.74 9.60 -9.56
CA PHE A 498 25.46 10.77 -10.03
C PHE A 498 26.72 11.06 -9.22
N ASP A 499 27.56 11.95 -9.75
CA ASP A 499 28.72 12.48 -9.04
C ASP A 499 28.30 13.48 -7.96
N ARG A 500 27.25 14.24 -8.22
CA ARG A 500 26.84 15.33 -7.32
C ARG A 500 25.31 15.49 -7.24
N VAL A 501 24.86 16.11 -6.17
CA VAL A 501 23.47 16.41 -5.94
C VAL A 501 23.08 17.73 -6.64
N PHE A 502 22.36 17.61 -7.75
CA PHE A 502 21.87 18.79 -8.47
C PHE A 502 20.42 19.15 -8.11
N TRP A 503 19.83 18.37 -7.21
CA TRP A 503 18.45 18.59 -6.78
C TRP A 503 18.43 19.23 -5.38
N ASP A 504 17.24 19.61 -4.91
CA ASP A 504 17.09 20.20 -3.58
C ASP A 504 17.24 19.12 -2.50
N PRO A 505 18.23 19.28 -1.60
CA PRO A 505 18.49 18.26 -0.58
C PRO A 505 17.50 18.30 0.59
N SER A 506 16.66 19.33 0.64
CA SER A 506 15.64 19.45 1.67
C SER A 506 14.34 18.72 1.29
N VAL A 507 14.30 18.17 0.07
CA VAL A 507 13.20 17.28 -0.35
C VAL A 507 13.72 15.87 -0.60
N ASN A 508 13.02 14.88 -0.05
CA ASN A 508 13.27 13.48 -0.39
C ASN A 508 12.54 13.07 -1.66
N LEU A 509 11.44 13.76 -1.95
CA LEU A 509 10.51 13.38 -3.02
C LEU A 509 10.16 14.55 -3.93
N PHE A 510 10.09 14.29 -5.23
CA PHE A 510 9.40 15.21 -6.15
C PHE A 510 8.73 14.45 -7.28
N GLY A 511 7.64 15.02 -7.80
CA GLY A 511 6.79 14.35 -8.78
C GLY A 511 6.89 14.87 -10.19
N HIS A 512 6.76 13.96 -11.16
CA HIS A 512 6.66 14.31 -12.56
C HIS A 512 5.24 13.99 -13.04
N VAL A 513 4.50 15.04 -13.38
CA VAL A 513 3.15 14.90 -13.91
C VAL A 513 3.24 14.48 -15.38
N GLY A 514 2.70 13.30 -15.70
CA GLY A 514 2.77 12.75 -17.06
C GLY A 514 1.88 13.45 -18.06
N SER A 515 1.89 12.99 -19.31
CA SER A 515 1.16 13.66 -20.38
C SER A 515 -0.23 13.07 -20.62
N THR A 516 -0.42 11.80 -20.26
CA THR A 516 -1.69 11.12 -20.49
C THR A 516 -2.10 10.30 -19.30
N THR A 517 -3.38 9.97 -19.26
CA THR A 517 -3.96 9.09 -18.25
C THR A 517 -3.32 7.72 -18.33
N ALA A 518 -3.26 7.16 -19.53
CA ALA A 518 -2.67 5.84 -19.75
C ALA A 518 -1.21 5.76 -19.25
N SER A 519 -0.42 6.81 -19.48
CA SER A 519 0.99 6.76 -19.12
C SER A 519 1.32 7.48 -17.81
N ARG A 520 0.30 7.74 -16.99
CA ARG A 520 0.51 8.49 -15.73
C ARG A 520 1.55 7.90 -14.78
N GLY A 521 1.76 6.59 -14.85
CA GLY A 521 2.69 5.89 -13.96
C GLY A 521 4.13 5.95 -14.42
N GLU A 522 4.37 6.51 -15.60
CA GLU A 522 5.73 6.57 -16.15
C GLU A 522 6.64 7.56 -15.44
N LEU A 523 7.57 7.04 -14.65
CA LEU A 523 8.61 7.86 -14.03
C LEU A 523 7.96 9.05 -13.33
N PHE A 524 6.90 8.76 -12.56
CA PHE A 524 6.03 9.80 -12.00
C PHE A 524 6.58 10.32 -10.67
N LEU A 525 7.54 9.61 -10.08
CA LEU A 525 8.09 9.99 -8.77
C LEU A 525 9.59 9.74 -8.68
N PHE A 526 10.31 10.73 -8.17
CA PHE A 526 11.76 10.64 -7.98
C PHE A 526 12.08 10.71 -6.48
N TRP A 527 12.90 9.78 -6.03
CA TRP A 527 13.15 9.60 -4.61
C TRP A 527 14.64 9.74 -4.32
N ASN A 528 14.98 10.49 -3.28
CA ASN A 528 16.37 10.55 -2.80
C ASN A 528 16.47 10.34 -1.30
N LEU A 529 17.47 9.57 -0.87
CA LEU A 529 17.82 9.50 0.56
C LEU A 529 18.76 10.65 0.92
N TYR A 530 18.67 11.11 2.17
CA TYR A 530 19.38 12.32 2.62
C TYR A 530 20.89 12.35 2.32
N LYS A 531 21.29 13.33 1.50
CA LYS A 531 22.69 13.58 1.11
C LYS A 531 23.42 12.39 0.49
N ALA A 532 22.76 11.72 -0.45
CA ALA A 532 23.37 10.72 -1.31
C ALA A 532 23.10 11.11 -2.76
N PRO A 533 24.10 10.95 -3.66
CA PRO A 533 23.91 11.45 -5.02
C PRO A 533 23.17 10.44 -5.92
N ILE A 534 22.07 9.90 -5.41
CA ILE A 534 21.28 8.90 -6.14
C ILE A 534 19.83 9.34 -6.24
N LEU A 535 19.26 9.18 -7.43
CA LEU A 535 17.82 9.32 -7.62
C LEU A 535 17.22 7.99 -8.03
N LEU A 536 16.06 7.69 -7.45
CA LEU A 536 15.24 6.53 -7.82
C LEU A 536 14.02 7.07 -8.53
N ALA A 537 13.81 6.65 -9.78
CA ALA A 537 12.60 7.02 -10.51
C ALA A 537 11.67 5.82 -10.52
N LEU A 538 10.43 6.04 -10.10
CA LEU A 538 9.45 4.94 -9.97
C LEU A 538 8.55 4.86 -11.20
N VAL A 539 8.29 3.63 -11.64
CA VAL A 539 7.38 3.35 -12.74
C VAL A 539 6.20 2.54 -12.18
N ALA A 540 4.99 3.10 -12.29
CA ALA A 540 3.84 2.53 -11.60
C ALA A 540 2.71 2.21 -12.58
N GLY A 541 1.78 1.36 -12.14
CA GLY A 541 0.56 1.12 -12.88
C GLY A 541 0.77 0.46 -14.23
N GLU A 542 0.03 0.90 -15.23
CA GLU A 542 0.11 0.31 -16.57
C GLU A 542 1.49 0.46 -17.18
N ALA A 543 2.16 1.56 -16.85
CA ALA A 543 3.51 1.80 -17.37
C ALA A 543 4.52 0.78 -16.85
N ALA A 544 4.31 0.26 -15.64
CA ALA A 544 5.25 -0.69 -15.03
C ALA A 544 5.58 -1.92 -15.89
N GLY A 545 4.56 -2.61 -16.39
CA GLY A 545 4.77 -3.80 -17.21
C GLY A 545 5.35 -3.46 -18.57
N ILE A 546 4.78 -2.43 -19.18
CA ILE A 546 5.15 -1.98 -20.51
C ILE A 546 6.61 -1.50 -20.62
N MET A 547 7.06 -0.74 -19.63
CA MET A 547 8.40 -0.14 -19.64
C MET A 547 9.51 -1.17 -19.46
N GLU A 548 9.17 -2.34 -18.92
CA GLU A 548 10.12 -3.46 -18.85
C GLU A 548 10.65 -3.86 -20.24
N ASN A 549 9.88 -3.58 -21.30
CA ASN A 549 10.31 -3.85 -22.69
C ASN A 549 11.21 -2.76 -23.28
N ILE A 550 11.70 -1.86 -22.45
CA ILE A 550 12.59 -0.79 -22.88
C ILE A 550 13.96 -1.01 -22.23
N SER A 551 15.03 -0.91 -23.04
CA SER A 551 16.39 -1.08 -22.55
C SER A 551 16.75 0.00 -21.53
N ASP A 552 17.71 -0.30 -20.67
CA ASP A 552 18.14 0.64 -19.63
C ASP A 552 18.49 1.99 -20.20
N ASP A 553 19.25 2.01 -21.30
CA ASP A 553 19.75 3.26 -21.89
C ASP A 553 18.63 4.20 -22.30
N VAL A 554 17.59 3.65 -22.95
CA VAL A 554 16.47 4.45 -23.42
C VAL A 554 15.66 4.98 -22.23
N ILE A 555 15.38 4.11 -21.26
CA ILE A 555 14.61 4.52 -20.06
C ILE A 555 15.40 5.55 -19.23
N VAL A 556 16.69 5.33 -19.08
CA VAL A 556 17.54 6.32 -18.41
C VAL A 556 17.46 7.66 -19.17
N GLY A 557 17.53 7.58 -20.50
CA GLY A 557 17.41 8.76 -21.36
C GLY A 557 16.12 9.51 -21.09
N ARG A 558 15.01 8.76 -20.98
CA ARG A 558 13.70 9.35 -20.66
C ARG A 558 13.69 10.00 -19.29
N CYS A 559 14.39 9.40 -18.33
CA CYS A 559 14.60 10.01 -17.00
C CYS A 559 15.33 11.34 -17.08
N LEU A 560 16.43 11.37 -17.84
CA LEU A 560 17.28 12.55 -17.92
C LEU A 560 16.54 13.72 -18.55
N ALA A 561 15.82 13.43 -19.64
CA ALA A 561 14.94 14.40 -20.28
C ALA A 561 13.99 15.10 -19.29
N ILE A 562 13.34 14.30 -18.44
CA ILE A 562 12.42 14.82 -17.42
C ILE A 562 13.18 15.71 -16.45
N LEU A 563 14.32 15.21 -15.98
CA LEU A 563 15.14 15.91 -15.00
C LEU A 563 15.71 17.21 -15.56
N LYS A 564 16.05 17.20 -16.86
CA LYS A 564 16.55 18.38 -17.54
C LYS A 564 15.47 19.45 -17.67
N GLY A 565 14.25 19.01 -17.99
CA GLY A 565 13.10 19.90 -18.03
C GLY A 565 12.82 20.60 -16.70
N ILE A 566 13.20 19.94 -15.60
CA ILE A 566 12.93 20.47 -14.26
C ILE A 566 14.08 21.36 -13.76
N PHE A 567 15.31 20.85 -13.89
CA PHE A 567 16.48 21.50 -13.29
C PHE A 567 17.34 22.33 -14.25
N GLY A 568 17.07 22.21 -15.55
CA GLY A 568 17.87 22.86 -16.57
C GLY A 568 18.72 21.84 -17.31
N SER A 569 18.78 21.97 -18.64
CA SER A 569 19.47 20.99 -19.49
C SER A 569 20.99 20.93 -19.32
N SER A 570 21.54 21.79 -18.49
CA SER A 570 22.98 21.81 -18.22
C SER A 570 23.32 21.40 -16.78
N ALA A 571 22.33 21.51 -15.91
CA ALA A 571 22.50 21.13 -14.50
C ALA A 571 22.52 19.61 -14.26
N VAL A 572 22.15 18.84 -15.29
CA VAL A 572 22.01 17.38 -15.18
C VAL A 572 23.14 16.65 -15.93
N PRO A 573 24.12 16.14 -15.18
CA PRO A 573 25.21 15.35 -15.77
C PRO A 573 24.77 13.94 -16.13
N GLN A 574 25.55 13.27 -16.99
CA GLN A 574 25.34 11.84 -17.25
C GLN A 574 25.54 11.06 -15.97
N PRO A 575 24.66 10.08 -15.70
CA PRO A 575 24.83 9.20 -14.55
C PRO A 575 26.07 8.33 -14.66
N LYS A 576 26.81 8.19 -13.57
CA LYS A 576 27.96 7.31 -13.52
C LYS A 576 27.52 5.85 -13.57
N GLU A 577 26.43 5.54 -12.86
CA GLU A 577 25.90 4.18 -12.79
C GLU A 577 24.36 4.14 -12.82
N THR A 578 23.80 3.13 -13.49
CA THR A 578 22.35 2.95 -13.55
C THR A 578 21.95 1.50 -13.33
N VAL A 579 20.80 1.31 -12.67
CA VAL A 579 20.19 -0.01 -12.50
C VAL A 579 18.70 0.13 -12.71
N VAL A 580 18.08 -0.90 -13.29
CA VAL A 580 16.67 -0.89 -13.60
C VAL A 580 16.07 -2.24 -13.22
N SER A 581 15.05 -2.23 -12.36
CA SER A 581 14.36 -3.46 -11.96
C SER A 581 13.37 -3.86 -13.05
N ARG A 582 13.18 -5.16 -13.23
CA ARG A 582 12.12 -5.68 -14.07
C ARG A 582 11.44 -6.83 -13.34
N TRP A 583 10.65 -6.50 -12.33
CA TRP A 583 10.07 -7.52 -11.45
C TRP A 583 9.14 -8.53 -12.13
N ARG A 584 8.39 -8.07 -13.13
CA ARG A 584 7.45 -8.96 -13.82
C ARG A 584 8.20 -10.03 -14.61
N ALA A 585 9.29 -9.64 -15.27
CA ALA A 585 10.12 -10.56 -16.07
C ALA A 585 10.99 -11.48 -15.22
N ASP A 586 11.30 -11.06 -13.99
CA ASP A 586 12.09 -11.86 -13.04
C ASP A 586 11.37 -13.17 -12.80
N PRO A 587 11.98 -14.30 -13.22
CA PRO A 587 11.31 -15.60 -13.12
C PRO A 587 11.13 -16.11 -11.69
N TRP A 588 11.84 -15.50 -10.73
CA TRP A 588 11.72 -15.95 -9.35
C TRP A 588 10.71 -15.11 -8.55
N ALA A 589 10.12 -14.12 -9.22
CA ALA A 589 9.12 -13.24 -8.62
C ALA A 589 7.82 -13.16 -9.46
N ARG A 590 7.96 -12.81 -10.74
CA ARG A 590 6.85 -12.65 -11.69
C ARG A 590 5.94 -11.48 -11.32
N GLY A 591 6.54 -10.42 -10.79
CA GLY A 591 5.81 -9.27 -10.29
C GLY A 591 6.34 -8.80 -8.94
N SER A 592 5.68 -7.81 -8.37
CA SER A 592 6.20 -7.15 -7.17
C SER A 592 5.55 -7.64 -5.88
N TYR A 593 4.21 -7.57 -5.79
CA TYR A 593 3.51 -8.10 -4.62
C TYR A 593 2.01 -8.17 -4.84
N SER A 594 1.31 -8.93 -3.99
CA SER A 594 -0.12 -9.13 -4.14
C SER A 594 -0.91 -7.84 -3.97
N TYR A 595 -2.09 -7.82 -4.56
CA TYR A 595 -3.09 -6.79 -4.32
C TYR A 595 -4.43 -7.50 -4.32
N VAL A 596 -5.42 -6.92 -3.66
CA VAL A 596 -6.76 -7.50 -3.61
C VAL A 596 -7.52 -7.19 -4.90
N ALA A 597 -7.57 -8.17 -5.78
CA ALA A 597 -8.18 -7.99 -7.09
C ALA A 597 -9.69 -7.95 -6.96
N ALA A 598 -10.34 -7.31 -7.93
CA ALA A 598 -11.79 -7.36 -8.05
C ALA A 598 -12.21 -8.82 -8.18
N GLY A 599 -13.12 -9.26 -7.30
CA GLY A 599 -13.53 -10.66 -7.26
C GLY A 599 -12.83 -11.48 -6.20
N SER A 600 -11.87 -10.88 -5.52
CA SER A 600 -11.16 -11.52 -4.42
C SER A 600 -11.47 -10.78 -3.13
N SER A 601 -10.80 -11.18 -2.04
CA SER A 601 -11.01 -10.55 -0.74
C SER A 601 -9.93 -11.00 0.20
N GLY A 602 -9.97 -10.50 1.43
CA GLY A 602 -9.06 -10.91 2.50
C GLY A 602 -9.13 -12.39 2.79
N ASN A 603 -10.27 -13.00 2.47
CA ASN A 603 -10.43 -14.43 2.67
C ASN A 603 -9.48 -15.29 1.86
N ASP A 604 -9.20 -14.86 0.64
CA ASP A 604 -8.22 -15.55 -0.20
C ASP A 604 -6.82 -15.60 0.40
N TYR A 605 -6.49 -14.61 1.23
CA TYR A 605 -5.24 -14.62 1.95
C TYR A 605 -5.22 -15.71 3.02
N ASP A 606 -6.34 -15.87 3.74
CA ASP A 606 -6.50 -16.97 4.70
C ASP A 606 -6.40 -18.34 4.01
N LEU A 607 -7.10 -18.49 2.89
CA LEU A 607 -7.05 -19.69 2.06
C LEU A 607 -5.61 -20.01 1.63
N MET A 608 -4.85 -18.98 1.26
CA MET A 608 -3.45 -19.16 0.86
C MET A 608 -2.56 -19.64 2.00
N ALA A 609 -2.92 -19.24 3.22
CA ALA A 609 -2.20 -19.66 4.41
C ALA A 609 -2.50 -21.12 4.83
N GLN A 610 -3.64 -21.66 4.40
CA GLN A 610 -4.09 -22.99 4.84
C GLN A 610 -3.18 -24.14 4.40
N PRO A 611 -2.70 -24.95 5.37
CA PRO A 611 -1.86 -26.10 5.05
C PRO A 611 -2.62 -27.21 4.33
N ILE A 612 -1.90 -28.07 3.60
CA ILE A 612 -2.50 -29.18 2.86
C ILE A 612 -2.21 -30.51 3.56
N THR A 613 -3.25 -31.32 3.75
CA THR A 613 -3.07 -32.70 4.24
C THR A 613 -3.25 -33.67 3.07
N PRO A 614 -2.40 -34.71 3.00
CA PRO A 614 -2.38 -35.62 1.84
C PRO A 614 -3.63 -36.48 1.64
N GLY A 615 -4.29 -36.86 2.73
CA GLY A 615 -5.46 -37.74 2.67
C GLY A 615 -5.10 -39.19 2.39
N GLN A 623 -6.47 -40.38 10.29
CA GLN A 623 -6.41 -38.95 10.00
C GLN A 623 -4.97 -38.51 9.66
N PRO A 624 -4.70 -38.24 8.35
CA PRO A 624 -3.36 -37.85 7.89
C PRO A 624 -2.95 -36.46 8.38
N ILE A 625 -1.68 -36.32 8.74
CA ILE A 625 -1.14 -35.09 9.29
C ILE A 625 -0.81 -34.12 8.14
N PRO A 626 -0.96 -32.79 8.38
CA PRO A 626 -0.62 -31.78 7.34
C PRO A 626 0.84 -31.84 6.96
N ARG A 627 1.12 -31.76 5.66
CA ARG A 627 2.49 -31.92 5.17
C ARG A 627 3.05 -30.71 4.42
N LEU A 628 2.17 -30.02 3.68
CA LEU A 628 2.58 -28.86 2.88
C LEU A 628 2.04 -27.56 3.50
N PHE A 629 2.96 -26.66 3.82
CA PHE A 629 2.61 -25.42 4.52
C PHE A 629 2.98 -24.20 3.66
N PHE A 630 2.29 -23.09 3.90
CA PHE A 630 2.50 -21.88 3.10
C PHE A 630 2.78 -20.64 3.93
N ALA A 631 3.84 -19.93 3.54
CA ALA A 631 4.11 -18.61 4.09
C ALA A 631 4.43 -17.63 2.94
N GLY A 632 4.62 -16.36 3.29
CA GLY A 632 4.87 -15.32 2.29
C GLY A 632 3.85 -14.20 2.39
N GLU A 633 4.16 -13.05 1.78
CA GLU A 633 3.35 -11.85 1.93
C GLU A 633 1.89 -12.05 1.51
N HIS A 634 1.67 -12.99 0.59
CA HIS A 634 0.34 -13.28 0.03
C HIS A 634 -0.50 -14.21 0.90
N THR A 635 -0.02 -14.51 2.12
CA THR A 635 -0.71 -15.48 2.98
C THR A 635 -1.10 -14.86 4.32
N ILE A 636 -0.91 -13.56 4.45
CA ILE A 636 -1.25 -12.88 5.70
C ILE A 636 -2.22 -11.70 5.46
N ARG A 637 -3.50 -11.92 5.76
CA ARG A 637 -4.54 -10.93 5.38
C ARG A 637 -4.42 -9.55 6.02
N ASN A 638 -3.83 -9.45 7.22
CA ASN A 638 -3.76 -8.17 7.91
C ASN A 638 -2.54 -7.34 7.50
N TYR A 639 -1.53 -8.00 6.91
CA TYR A 639 -0.26 -7.34 6.58
C TYR A 639 0.30 -7.72 5.19
N PRO A 640 -0.58 -7.88 4.18
CA PRO A 640 -0.02 -8.39 2.92
C PRO A 640 0.90 -7.40 2.22
N ALA A 641 1.68 -7.91 1.27
CA ALA A 641 2.49 -7.06 0.40
C ALA A 641 3.52 -6.22 1.16
N THR A 642 4.04 -6.74 2.26
CA THR A 642 5.01 -5.99 3.08
C THR A 642 6.12 -6.92 3.56
N VAL A 643 7.22 -6.36 4.03
CA VAL A 643 8.31 -7.14 4.63
C VAL A 643 7.86 -7.69 5.99
N HIS A 644 7.19 -6.85 6.79
CA HIS A 644 6.72 -7.28 8.12
C HIS A 644 5.67 -8.36 7.98
N GLY A 645 4.80 -8.25 6.98
CA GLY A 645 3.86 -9.32 6.68
C GLY A 645 4.55 -10.63 6.33
N ALA A 646 5.54 -10.56 5.44
CA ALA A 646 6.32 -11.75 5.10
C ALA A 646 6.95 -12.33 6.39
N LEU A 647 7.59 -11.48 7.19
CA LEU A 647 8.18 -11.91 8.45
C LEU A 647 7.18 -12.61 9.37
N LEU A 648 6.06 -11.94 9.61
CA LEU A 648 5.04 -12.47 10.49
C LEU A 648 4.48 -13.80 9.99
N SER A 649 4.27 -13.92 8.68
CA SER A 649 3.80 -15.18 8.08
C SER A 649 4.78 -16.33 8.39
N GLY A 650 6.07 -16.04 8.28
CA GLY A 650 7.13 -17.00 8.63
C GLY A 650 7.05 -17.47 10.08
N LEU A 651 6.93 -16.52 11.01
CA LEU A 651 6.75 -16.85 12.43
C LEU A 651 5.49 -17.70 12.67
N ARG A 652 4.41 -17.32 12.02
CA ARG A 652 3.16 -18.06 12.12
C ARG A 652 3.36 -19.53 11.72
N GLU A 653 3.94 -19.78 10.55
CA GLU A 653 4.04 -21.16 10.05
C GLU A 653 5.02 -21.99 10.86
N ALA A 654 6.15 -21.39 11.25
CA ALA A 654 7.06 -22.05 12.16
C ALA A 654 6.28 -22.55 13.38
N GLY A 655 5.51 -21.63 13.98
CA GLY A 655 4.66 -21.95 15.11
C GLY A 655 3.74 -23.13 14.87
N ARG A 656 3.05 -23.13 13.74
CA ARG A 656 2.11 -24.18 13.42
C ARG A 656 2.82 -25.52 13.15
N ILE A 657 3.97 -25.47 12.46
CA ILE A 657 4.72 -26.68 12.11
C ILE A 657 5.30 -27.35 13.37
N ALA A 658 5.87 -26.55 14.27
CA ALA A 658 6.40 -27.03 15.53
C ALA A 658 5.30 -27.62 16.40
N ASP A 659 4.15 -26.96 16.45
CA ASP A 659 3.00 -27.49 17.16
C ASP A 659 2.62 -28.86 16.64
N GLN A 660 2.71 -29.05 15.32
CA GLN A 660 2.32 -30.30 14.69
C GLN A 660 3.28 -31.43 15.03
N PHE A 661 4.57 -31.13 14.96
CA PHE A 661 5.62 -32.14 14.98
C PHE A 661 6.36 -32.30 16.31
N LEU A 662 6.28 -31.29 17.18
CA LEU A 662 6.93 -31.32 18.49
C LEU A 662 5.91 -31.25 19.63
N GLY A 663 4.64 -31.13 19.27
CA GLY A 663 3.56 -30.99 20.24
C GLY A 663 3.36 -29.54 20.71
N ALA A 664 2.12 -29.19 21.03
CA ALA A 664 1.78 -27.85 21.49
C ALA A 664 2.09 -27.63 22.98
N MET A 665 3.33 -27.94 23.37
CA MET A 665 3.78 -27.83 24.76
C MET A 665 3.90 -26.39 25.21
#